data_5FTX
#
_entry.id   5FTX
#
_cell.length_a   100.627
_cell.length_b   48.128
_cell.length_c   196.136
_cell.angle_alpha   90.00
_cell.angle_beta   96.60
_cell.angle_gamma   90.00
#
_symmetry.space_group_name_H-M   'C 1 2 1'
#
loop_
_entity.id
_entity.type
_entity.pdbx_description
1 polymer 'SURFACE LAYER PROTEIN'
2 non-polymer 'CALCIUM ION'
3 non-polymer 'ZINC ION'
#
_entity_poly.entity_id   1
_entity_poly.type   'polypeptide(L)'
_entity_poly.pdbx_seq_one_letter_code
;AEVSELKLTKDNKEVVTLYANGNAFDKDGNQISSGTLTLTAKFKDQYGNELTGKVAGTDYTFESLNPEVLVVAPDGSVTP
IVPGTALVKVKYGEVTKTIPVTVKANPVLETIAVDSTGVSVAKGQKATFKVTLKDQYGNKFTGNVNVTSDKTETATVSVS
NSGIGQSEYTVTVNGVAEGSTTITIKSGTKEVKVPVNVVAGGPVANYQIKVLDDGKIDKSATESPANNDVQLKVYAVDAN
GNIVGDITNDVTITSEATDTNGVIVNASKSTANGDTVYVITDNGSKKVGKETLTVKLGTVTLGTVDVEVIDTTLKATVVT
KKADLIELDAADNGDALAKLLANLDIKDQNGNPMVDSAATPNTNEKLQALKSVLSGIVSSDTSVIGSVSNVDNLKDDASI
SGLAVKKAGTVTLTLVFNEDSKIAPIAITVKAPAATQDGVTVTGLDLVPGVTGVGKTKFTATDKIKSGHKLYYAVDDSAV
PAPAVGTTRNSTKFANEITVGTTEVAANAGQIITVIEVDSSDRVVGYKTFTVEAADLSVAADKTGFTATVTPTGGNQVTT
GKTLLAVSDLANGHKLYAAAAGSSAAAAPVKGIAYTDTTVRTTYGTEVTSGTVEVDAQDGQHISIIEVDENGKVVGYKDY
TITGIQIGTKSAS
;
_entity_poly.pdbx_strand_id   A
#
loop_
_chem_comp.id
_chem_comp.type
_chem_comp.name
_chem_comp.formula
CA non-polymer 'CALCIUM ION' 'Ca 2'
ZN non-polymer 'ZINC ION' 'Zn 2'
#
# COMPACT_ATOMS: atom_id res chain seq x y z
N ALA A 1 -8.08 26.34 13.80
CA ALA A 1 -8.35 24.94 13.53
C ALA A 1 -9.63 24.49 14.23
N GLU A 2 -9.95 23.20 14.10
CA GLU A 2 -11.15 22.64 14.71
C GLU A 2 -11.02 21.13 14.86
N VAL A 3 -11.34 20.61 16.04
CA VAL A 3 -11.34 19.17 16.26
C VAL A 3 -12.55 18.55 15.57
N SER A 4 -12.30 17.64 14.65
CA SER A 4 -13.35 17.06 13.82
C SER A 4 -13.86 15.74 14.40
N GLU A 5 -13.06 15.12 15.28
CA GLU A 5 -13.37 13.80 15.79
C GLU A 5 -12.73 13.55 17.16
N LEU A 6 -13.47 12.86 18.03
CA LEU A 6 -12.95 12.40 19.31
C LEU A 6 -13.63 11.10 19.67
N LYS A 7 -12.94 9.99 19.42
CA LYS A 7 -13.53 8.67 19.51
C LYS A 7 -12.85 7.81 20.56
N LEU A 8 -13.59 6.81 21.05
CA LEU A 8 -13.06 5.78 21.91
C LEU A 8 -12.85 4.53 21.07
N THR A 9 -11.63 3.99 21.06
CA THR A 9 -11.33 2.87 20.18
C THR A 9 -10.33 1.87 20.76
N LYS A 10 -10.32 0.68 20.16
CA LYS A 10 -9.36 -0.37 20.47
C LYS A 10 -9.20 -1.23 19.22
N ASP A 11 -8.06 -1.08 18.56
CA ASP A 11 -7.81 -1.75 17.28
C ASP A 11 -8.78 -1.29 16.20
N ASN A 12 -8.81 0.03 15.98
CA ASN A 12 -9.62 0.63 14.92
C ASN A 12 -11.11 0.26 14.99
N LYS A 13 -11.61 0.05 16.20
CA LYS A 13 -13.02 -0.23 16.42
C LYS A 13 -13.60 0.75 17.42
N GLU A 14 -14.60 1.51 17.01
CA GLU A 14 -15.25 2.44 17.93
C GLU A 14 -15.94 1.64 19.04
N VAL A 15 -15.48 1.83 20.26
CA VAL A 15 -16.04 1.15 21.41
C VAL A 15 -17.33 1.83 21.84
N VAL A 16 -18.26 1.03 22.33
CA VAL A 16 -19.52 1.53 22.86
C VAL A 16 -19.65 1.06 24.30
N THR A 17 -19.42 -0.23 24.47
CA THR A 17 -19.54 -0.88 25.77
C THR A 17 -18.16 -1.18 26.33
N LEU A 18 -17.95 -0.78 27.58
CA LEU A 18 -16.70 -1.06 28.27
C LEU A 18 -16.95 -1.44 29.73
N TYR A 19 -16.25 -2.47 30.19
CA TYR A 19 -16.37 -2.94 31.55
C TYR A 19 -15.11 -2.57 32.35
N ALA A 20 -15.23 -2.64 33.67
CA ALA A 20 -14.15 -2.27 34.57
C ALA A 20 -12.96 -3.23 34.42
N ASN A 21 -13.25 -4.46 34.01
CA ASN A 21 -12.21 -5.47 33.83
C ASN A 21 -11.32 -5.17 32.62
N GLY A 22 -11.73 -4.19 31.83
CA GLY A 22 -10.94 -3.75 30.68
C GLY A 22 -11.45 -4.33 29.37
N ASN A 23 -12.41 -5.23 29.46
CA ASN A 23 -12.98 -5.86 28.26
C ASN A 23 -14.00 -4.95 27.58
N ALA A 24 -13.84 -4.78 26.27
CA ALA A 24 -14.64 -3.84 25.50
C ALA A 24 -15.47 -4.56 24.44
N PHE A 25 -16.32 -3.81 23.76
CA PHE A 25 -17.16 -4.34 22.70
C PHE A 25 -17.37 -3.30 21.60
N ASP A 26 -17.85 -3.76 20.46
CA ASP A 26 -18.16 -2.89 19.33
C ASP A 26 -19.64 -2.48 19.43
N LYS A 27 -20.24 -2.17 18.28
CA LYS A 27 -21.66 -1.83 18.22
C LYS A 27 -22.51 -3.09 18.16
N ASP A 28 -21.96 -4.14 17.55
CA ASP A 28 -22.67 -5.39 17.35
C ASP A 28 -22.53 -6.32 18.56
N GLY A 29 -22.09 -5.78 19.69
CA GLY A 29 -21.96 -6.54 20.91
C GLY A 29 -20.83 -7.57 20.87
N ASN A 30 -19.97 -7.46 19.86
CA ASN A 30 -18.82 -8.35 19.73
C ASN A 30 -17.62 -7.85 20.53
N GLN A 31 -17.05 -8.75 21.32
CA GLN A 31 -15.91 -8.41 22.17
C GLN A 31 -14.68 -8.08 21.33
N ILE A 32 -13.82 -7.24 21.90
CA ILE A 32 -12.57 -6.87 21.27
C ILE A 32 -11.43 -7.28 22.19
N SER A 33 -10.33 -7.73 21.62
CA SER A 33 -9.20 -8.23 22.41
C SER A 33 -7.85 -7.93 21.75
N SER A 34 -7.87 -7.28 20.60
CA SER A 34 -6.64 -6.93 19.87
C SER A 34 -6.25 -5.49 20.15
N GLY A 35 -4.96 -5.20 20.01
CA GLY A 35 -4.45 -3.85 20.16
C GLY A 35 -4.65 -3.29 21.56
N THR A 36 -4.39 -2.00 21.69
CA THR A 36 -4.50 -1.31 22.97
C THR A 36 -5.73 -0.43 22.98
N LEU A 37 -6.31 -0.27 24.17
CA LEU A 37 -7.46 0.60 24.33
C LEU A 37 -6.96 2.04 24.32
N THR A 38 -7.56 2.87 23.47
CA THR A 38 -7.11 4.25 23.31
C THR A 38 -8.22 5.21 22.89
N LEU A 39 -7.86 6.47 22.77
CA LEU A 39 -8.78 7.53 22.33
C LEU A 39 -8.36 8.06 20.97
N THR A 40 -9.21 7.86 19.97
CA THR A 40 -8.93 8.33 18.63
C THR A 40 -9.35 9.79 18.51
N ALA A 41 -8.57 10.56 17.77
CA ALA A 41 -8.84 11.99 17.60
C ALA A 41 -8.30 12.47 16.26
N LYS A 42 -9.09 13.31 15.58
CA LYS A 42 -8.70 13.90 14.31
C LYS A 42 -8.97 15.40 14.32
N PHE A 43 -8.14 16.14 13.60
CA PHE A 43 -8.22 17.60 13.60
C PHE A 43 -8.28 18.15 12.18
N LYS A 44 -9.06 19.22 12.02
CA LYS A 44 -9.14 19.96 10.77
C LYS A 44 -8.71 21.40 11.04
N ASP A 45 -8.14 22.04 10.02
CA ASP A 45 -7.72 23.43 10.16
C ASP A 45 -8.93 24.37 10.04
N GLN A 46 -8.67 25.63 9.70
CA GLN A 46 -9.73 26.63 9.61
C GLN A 46 -10.50 26.55 8.29
N TYR A 47 -9.89 25.97 7.26
CA TYR A 47 -10.49 25.88 5.93
C TYR A 47 -11.33 24.61 5.77
N GLY A 48 -10.99 23.58 6.56
CA GLY A 48 -11.65 22.29 6.48
C GLY A 48 -10.70 21.22 5.95
N ASN A 49 -9.41 21.43 6.18
CA ASN A 49 -8.38 20.49 5.77
C ASN A 49 -7.90 19.65 6.96
N GLU A 50 -7.97 18.34 6.81
CA GLU A 50 -7.56 17.44 7.88
C GLU A 50 -6.06 17.49 8.11
N LEU A 51 -5.66 17.85 9.33
CA LEU A 51 -4.26 17.81 9.73
C LEU A 51 -3.85 16.35 9.94
N THR A 52 -2.64 16.01 9.55
CA THR A 52 -2.15 14.64 9.67
C THR A 52 -0.65 14.58 9.94
N GLY A 53 -0.14 13.37 10.15
CA GLY A 53 1.28 13.15 10.41
C GLY A 53 1.73 13.72 11.74
N LYS A 54 0.77 14.04 12.60
CA LYS A 54 1.08 14.69 13.87
C LYS A 54 1.43 13.68 14.97
N VAL A 55 2.00 14.18 16.06
CA VAL A 55 2.50 13.34 17.15
C VAL A 55 1.51 13.27 18.30
N ALA A 56 1.04 12.07 18.60
CA ALA A 56 0.22 11.84 19.79
C ALA A 56 1.12 11.77 21.02
N GLY A 57 1.01 12.77 21.89
CA GLY A 57 1.83 12.85 23.09
C GLY A 57 2.85 13.97 23.04
N THR A 58 2.66 14.88 22.07
CA THR A 58 3.54 16.02 21.89
C THR A 58 2.77 17.17 21.24
N ASP A 59 2.20 16.91 20.07
CA ASP A 59 1.36 17.87 19.39
C ASP A 59 -0.02 17.91 20.03
N TYR A 60 -0.40 16.82 20.69
CA TYR A 60 -1.69 16.74 21.38
C TYR A 60 -1.68 15.68 22.48
N THR A 61 -2.23 16.05 23.63
CA THR A 61 -2.23 15.20 24.82
C THR A 61 -3.64 14.72 25.15
N PHE A 62 -3.78 14.08 26.32
CA PHE A 62 -5.08 13.61 26.79
C PHE A 62 -5.10 13.58 28.31
N GLU A 63 -6.25 13.89 28.89
CA GLU A 63 -6.42 13.80 30.34
C GLU A 63 -7.80 13.28 30.70
N SER A 64 -7.90 12.67 31.88
CA SER A 64 -9.19 12.22 32.42
C SER A 64 -9.58 13.11 33.59
N LEU A 65 -10.69 13.83 33.42
CA LEU A 65 -11.14 14.79 34.42
C LEU A 65 -11.73 14.07 35.64
N ASN A 66 -11.93 12.76 35.50
CA ASN A 66 -12.39 11.93 36.61
C ASN A 66 -11.49 10.70 36.75
N PRO A 67 -10.31 10.88 37.36
CA PRO A 67 -9.32 9.80 37.51
C PRO A 67 -9.71 8.85 38.62
N GLU A 68 -10.68 9.25 39.44
CA GLU A 68 -11.25 8.37 40.45
C GLU A 68 -11.89 7.16 39.77
N VAL A 69 -12.24 7.34 38.51
CA VAL A 69 -13.00 6.35 37.74
C VAL A 69 -12.14 5.73 36.64
N LEU A 70 -11.40 6.57 35.94
CA LEU A 70 -10.70 6.14 34.74
C LEU A 70 -9.46 6.99 34.46
N VAL A 71 -8.38 6.32 34.06
CA VAL A 71 -7.14 6.99 33.67
C VAL A 71 -7.04 7.04 32.15
N VAL A 72 -6.67 8.20 31.62
CA VAL A 72 -6.43 8.37 30.19
C VAL A 72 -5.07 9.03 30.03
N ALA A 73 -4.04 8.22 29.80
CA ALA A 73 -2.68 8.71 29.70
C ALA A 73 -2.56 9.77 28.59
N PRO A 74 -1.58 10.68 28.70
CA PRO A 74 -1.41 11.77 27.72
C PRO A 74 -1.23 11.29 26.30
N ASP A 75 -0.57 10.14 26.11
CA ASP A 75 -0.32 9.61 24.79
C ASP A 75 -1.63 9.28 24.07
N GLY A 76 -2.61 8.81 24.84
CA GLY A 76 -3.91 8.45 24.32
C GLY A 76 -4.41 7.14 24.91
N SER A 77 -3.49 6.37 25.48
CA SER A 77 -3.81 5.05 26.03
C SER A 77 -4.78 5.15 27.20
N VAL A 78 -5.40 4.02 27.55
CA VAL A 78 -6.47 3.99 28.54
C VAL A 78 -6.38 2.76 29.42
N THR A 79 -6.72 2.93 30.69
CA THR A 79 -6.80 1.83 31.64
C THR A 79 -7.88 2.16 32.66
N PRO A 80 -9.07 1.55 32.52
CA PRO A 80 -10.17 1.91 33.43
C PRO A 80 -9.94 1.33 34.81
N ILE A 81 -10.75 1.76 35.77
CA ILE A 81 -10.53 1.42 37.17
C ILE A 81 -11.78 0.77 37.74
N VAL A 82 -12.84 1.57 37.89
CA VAL A 82 -14.08 1.14 38.52
C VAL A 82 -15.27 1.67 37.75
N PRO A 83 -16.46 1.06 37.95
CA PRO A 83 -17.65 1.58 37.26
C PRO A 83 -17.95 3.03 37.61
N GLY A 84 -18.48 3.77 36.65
CA GLY A 84 -18.85 5.16 36.84
C GLY A 84 -18.89 5.93 35.53
N THR A 85 -19.06 7.24 35.62
CA THR A 85 -19.05 8.12 34.46
C THR A 85 -17.85 9.05 34.59
N ALA A 86 -17.00 9.05 33.57
CA ALA A 86 -15.78 9.85 33.58
C ALA A 86 -15.67 10.73 32.34
N LEU A 87 -15.00 11.87 32.51
CA LEU A 87 -14.84 12.83 31.44
C LEU A 87 -13.40 12.82 30.97
N VAL A 88 -13.22 13.08 29.68
CA VAL A 88 -11.89 13.05 29.08
C VAL A 88 -11.71 14.31 28.26
N LYS A 89 -10.46 14.72 28.06
CA LYS A 89 -10.16 15.98 27.42
C LYS A 89 -8.87 15.91 26.61
N VAL A 90 -8.79 16.73 25.56
CA VAL A 90 -7.66 16.77 24.65
C VAL A 90 -7.10 18.19 24.59
N LYS A 91 -5.82 18.31 24.22
CA LYS A 91 -5.17 19.59 24.00
C LYS A 91 -4.37 19.58 22.71
N TYR A 92 -4.14 20.78 22.15
CA TYR A 92 -3.33 20.96 20.94
C TYR A 92 -3.18 22.46 20.72
N GLY A 93 -2.00 22.98 21.04
CA GLY A 93 -1.76 24.41 20.94
C GLY A 93 -2.54 25.17 21.98
N GLU A 94 -3.82 25.41 21.69
CA GLU A 94 -4.72 26.09 22.62
C GLU A 94 -6.16 25.61 22.48
N VAL A 95 -6.37 24.52 21.74
CA VAL A 95 -7.71 23.97 21.57
C VAL A 95 -8.17 23.33 22.86
N THR A 96 -9.30 22.63 22.80
CA THR A 96 -9.82 21.87 23.93
C THR A 96 -11.11 21.19 23.50
N LYS A 97 -11.33 19.98 24.00
CA LYS A 97 -12.56 19.28 23.76
C LYS A 97 -12.87 18.35 24.92
N THR A 98 -14.08 17.80 24.94
CA THR A 98 -14.49 16.94 26.04
C THR A 98 -15.63 16.05 25.60
N ILE A 99 -15.60 14.81 26.07
CA ILE A 99 -16.69 13.88 25.87
C ILE A 99 -16.85 12.99 27.09
N PRO A 100 -18.08 12.53 27.37
CA PRO A 100 -18.24 11.60 28.49
C PRO A 100 -17.82 10.19 28.11
N VAL A 101 -17.49 9.40 29.11
CA VAL A 101 -17.22 7.98 28.92
C VAL A 101 -17.77 7.26 30.15
N THR A 102 -18.25 6.04 29.95
CA THR A 102 -18.91 5.31 31.03
C THR A 102 -18.32 3.91 31.17
N VAL A 103 -17.86 3.60 32.37
CA VAL A 103 -17.41 2.26 32.72
C VAL A 103 -18.58 1.52 33.34
N LYS A 104 -18.94 0.39 32.75
CA LYS A 104 -20.01 -0.44 33.28
C LYS A 104 -19.48 -1.37 34.35
N ALA A 105 -20.37 -1.80 35.25
CA ALA A 105 -20.02 -2.79 36.25
C ALA A 105 -19.74 -4.10 35.54
N ASN A 106 -18.83 -4.90 36.07
CA ASN A 106 -18.49 -6.18 35.46
C ASN A 106 -19.72 -7.10 35.43
N PRO A 107 -19.88 -7.90 34.36
CA PRO A 107 -21.05 -8.79 34.26
C PRO A 107 -21.13 -9.78 35.42
N VAL A 108 -22.33 -10.03 35.89
CA VAL A 108 -22.56 -10.94 37.02
C VAL A 108 -23.80 -11.79 36.76
N LEU A 109 -23.78 -13.02 37.25
CA LEU A 109 -24.88 -13.95 37.01
C LEU A 109 -26.20 -13.45 37.57
N GLU A 110 -27.08 -13.02 36.66
CA GLU A 110 -28.39 -12.50 37.03
C GLU A 110 -29.44 -13.58 36.89
N THR A 111 -29.73 -13.96 35.65
CA THR A 111 -30.83 -14.86 35.33
C THR A 111 -30.33 -16.21 34.82
N ILE A 112 -31.08 -17.26 35.15
CA ILE A 112 -30.82 -18.61 34.66
C ILE A 112 -31.99 -19.02 33.78
N ALA A 113 -31.86 -18.78 32.49
CA ALA A 113 -32.95 -19.04 31.55
C ALA A 113 -33.15 -20.54 31.32
N VAL A 114 -34.33 -20.89 30.80
CA VAL A 114 -34.72 -22.28 30.64
C VAL A 114 -35.42 -22.48 29.30
N ASP A 115 -35.25 -23.65 28.72
CA ASP A 115 -35.86 -23.98 27.43
C ASP A 115 -37.07 -24.90 27.62
N SER A 116 -37.73 -24.75 28.76
CA SER A 116 -38.92 -25.54 29.06
C SER A 116 -39.62 -25.01 30.30
N THR A 117 -40.68 -25.70 30.69
CA THR A 117 -41.47 -25.34 31.86
C THR A 117 -41.70 -26.58 32.73
N GLY A 118 -41.71 -27.73 32.09
CA GLY A 118 -41.90 -28.99 32.76
C GLY A 118 -41.54 -30.12 31.82
N VAL A 119 -40.68 -31.02 32.29
CA VAL A 119 -40.20 -32.11 31.46
C VAL A 119 -41.09 -33.33 31.63
N SER A 120 -41.19 -34.10 30.56
CA SER A 120 -41.97 -35.34 30.56
C SER A 120 -41.27 -36.34 29.66
N VAL A 121 -40.90 -37.48 30.23
CA VAL A 121 -40.13 -38.50 29.52
C VAL A 121 -40.69 -39.90 29.77
N ALA A 122 -40.41 -40.84 28.87
CA ALA A 122 -40.83 -42.21 29.03
C ALA A 122 -39.87 -43.00 29.91
N LYS A 123 -40.43 -43.95 30.64
CA LYS A 123 -39.66 -44.85 31.50
C LYS A 123 -38.57 -45.56 30.70
N GLY A 124 -37.31 -45.29 31.05
CA GLY A 124 -36.17 -45.93 30.41
C GLY A 124 -35.49 -45.05 29.39
N GLN A 125 -36.29 -44.22 28.73
CA GLN A 125 -35.75 -43.32 27.71
C GLN A 125 -35.08 -42.13 28.38
N LYS A 126 -34.69 -41.15 27.56
CA LYS A 126 -34.01 -39.96 28.06
C LYS A 126 -34.52 -38.71 27.35
N ALA A 127 -34.57 -37.60 28.08
CA ALA A 127 -35.10 -36.34 27.56
C ALA A 127 -34.01 -35.28 27.44
N THR A 128 -34.39 -34.06 27.07
CA THR A 128 -33.42 -32.99 26.80
C THR A 128 -34.06 -31.62 26.86
N PHE A 129 -33.31 -30.64 27.36
CA PHE A 129 -33.64 -29.24 27.22
C PHE A 129 -32.40 -28.38 27.46
N LYS A 130 -32.48 -27.11 27.06
CA LYS A 130 -31.34 -26.20 27.12
C LYS A 130 -31.43 -25.26 28.32
N VAL A 131 -30.31 -24.60 28.60
CA VAL A 131 -30.22 -23.62 29.67
C VAL A 131 -29.31 -22.49 29.20
N THR A 132 -29.69 -21.26 29.50
CA THR A 132 -28.92 -20.09 29.08
C THR A 132 -28.67 -19.18 30.27
N LEU A 133 -27.40 -18.90 30.52
CA LEU A 133 -27.00 -17.98 31.59
C LEU A 133 -26.97 -16.55 31.08
N LYS A 134 -27.60 -15.66 31.83
CA LYS A 134 -27.69 -14.27 31.45
C LYS A 134 -27.24 -13.36 32.59
N ASP A 135 -26.48 -12.32 32.24
CA ASP A 135 -26.03 -11.33 33.20
C ASP A 135 -27.12 -10.29 33.47
N GLN A 136 -26.81 -9.28 34.29
CA GLN A 136 -27.77 -8.22 34.62
C GLN A 136 -28.23 -7.45 33.38
N TYR A 137 -27.43 -7.52 32.32
CA TYR A 137 -27.72 -6.80 31.08
C TYR A 137 -28.65 -7.59 30.16
N GLY A 138 -28.63 -8.91 30.30
CA GLY A 138 -29.46 -9.80 29.50
C GLY A 138 -28.69 -10.44 28.37
N ASN A 139 -27.37 -10.38 28.45
CA ASN A 139 -26.50 -11.00 27.45
C ASN A 139 -25.90 -12.28 28.00
N LYS A 140 -25.18 -13.02 27.17
CA LYS A 140 -24.57 -14.26 27.59
C LYS A 140 -23.63 -14.03 28.76
N PHE A 141 -23.46 -15.06 29.58
CA PHE A 141 -22.58 -14.97 30.73
C PHE A 141 -22.01 -16.35 31.04
N THR A 142 -20.68 -16.41 31.20
CA THR A 142 -19.98 -17.67 31.39
C THR A 142 -19.98 -18.06 32.86
N GLY A 143 -20.04 -19.36 33.13
CA GLY A 143 -20.01 -19.87 34.48
C GLY A 143 -20.22 -21.38 34.58
N ASN A 144 -20.01 -21.92 35.77
CA ASN A 144 -20.13 -23.35 36.01
C ASN A 144 -21.54 -23.73 36.43
N VAL A 145 -21.78 -25.03 36.60
CA VAL A 145 -23.14 -25.54 36.82
C VAL A 145 -23.14 -26.82 37.64
N ASN A 146 -24.20 -26.98 38.43
CA ASN A 146 -24.48 -28.22 39.13
C ASN A 146 -25.96 -28.58 39.01
N VAL A 147 -26.23 -29.83 38.65
CA VAL A 147 -27.59 -30.32 38.50
C VAL A 147 -27.81 -31.55 39.36
N THR A 148 -29.02 -31.67 39.90
CA THR A 148 -29.36 -32.78 40.78
C THR A 148 -30.84 -33.11 40.68
N SER A 149 -31.19 -34.35 40.99
CA SER A 149 -32.58 -34.81 41.03
C SER A 149 -32.99 -35.04 42.48
N ASP A 150 -34.16 -34.50 42.85
CA ASP A 150 -34.70 -34.69 44.19
C ASP A 150 -34.90 -36.18 44.49
N LYS A 151 -35.15 -36.94 43.42
CA LYS A 151 -35.38 -38.38 43.53
C LYS A 151 -34.66 -39.10 42.39
N THR A 152 -33.40 -39.45 42.63
CA THR A 152 -32.56 -40.11 41.64
C THR A 152 -33.08 -41.49 41.25
N GLU A 153 -33.70 -42.17 42.21
CA GLU A 153 -34.30 -43.48 41.95
C GLU A 153 -35.42 -43.38 40.92
N THR A 154 -36.02 -42.20 40.83
CA THR A 154 -37.11 -41.94 39.88
C THR A 154 -36.59 -41.33 38.58
N ALA A 155 -35.49 -40.57 38.68
CA ALA A 155 -34.96 -39.88 37.52
C ALA A 155 -33.53 -39.39 37.75
N THR A 156 -32.61 -39.87 36.93
CA THR A 156 -31.23 -39.41 36.95
C THR A 156 -31.07 -38.30 35.94
N VAL A 157 -29.88 -37.70 35.87
CA VAL A 157 -29.63 -36.60 34.96
C VAL A 157 -28.14 -36.49 34.65
N SER A 158 -27.83 -35.95 33.48
CA SER A 158 -26.46 -35.71 33.08
C SER A 158 -26.37 -34.41 32.29
N VAL A 159 -25.20 -33.79 32.32
CA VAL A 159 -24.96 -32.55 31.58
C VAL A 159 -23.65 -32.67 30.82
N SER A 160 -23.54 -31.91 29.73
CA SER A 160 -22.35 -31.94 28.88
C SER A 160 -21.16 -31.25 29.53
N ASN A 161 -20.06 -31.18 28.77
CA ASN A 161 -18.81 -30.53 29.17
C ASN A 161 -18.58 -30.28 30.66
N SER A 162 -18.89 -31.28 31.48
CA SER A 162 -18.66 -31.24 32.92
C SER A 162 -19.43 -30.11 33.63
N GLY A 163 -20.31 -29.43 32.90
CA GLY A 163 -21.06 -28.33 33.46
C GLY A 163 -20.16 -27.15 33.82
N ILE A 164 -19.15 -26.91 32.98
CA ILE A 164 -18.20 -25.82 33.21
C ILE A 164 -17.70 -25.17 31.91
N GLY A 165 -17.43 -23.86 31.96
CA GLY A 165 -16.72 -23.17 30.89
C GLY A 165 -17.57 -22.66 29.74
N GLN A 166 -18.88 -22.52 29.97
CA GLN A 166 -19.77 -22.05 28.92
C GLN A 166 -20.92 -21.20 29.45
N SER A 167 -21.75 -20.71 28.53
CA SER A 167 -22.95 -19.96 28.85
C SER A 167 -24.19 -20.68 28.29
N GLU A 168 -23.97 -21.88 27.75
CA GLU A 168 -25.05 -22.70 27.21
C GLU A 168 -24.73 -24.19 27.33
N TYR A 169 -25.37 -24.86 28.28
CA TYR A 169 -25.24 -26.31 28.45
C TYR A 169 -26.51 -27.00 27.99
N THR A 170 -26.39 -28.31 27.75
CA THR A 170 -27.55 -29.13 27.41
C THR A 170 -27.77 -30.15 28.52
N VAL A 171 -29.00 -30.17 29.04
CA VAL A 171 -29.37 -31.12 30.06
C VAL A 171 -29.84 -32.39 29.39
N THR A 172 -29.56 -33.52 30.03
CA THR A 172 -29.96 -34.83 29.52
C THR A 172 -30.60 -35.61 30.67
N VAL A 173 -31.93 -35.69 30.65
CA VAL A 173 -32.70 -36.34 31.71
C VAL A 173 -33.01 -37.78 31.35
N ASN A 174 -32.29 -38.72 31.96
CA ASN A 174 -32.54 -40.13 31.76
C ASN A 174 -33.69 -40.59 32.65
N GLY A 175 -34.75 -41.10 32.04
CA GLY A 175 -35.95 -41.50 32.76
C GLY A 175 -35.82 -42.88 33.38
N VAL A 176 -35.89 -42.95 34.71
CA VAL A 176 -35.69 -44.20 35.44
C VAL A 176 -37.01 -44.88 35.75
N ALA A 177 -37.72 -44.36 36.74
CA ALA A 177 -38.93 -45.00 37.26
C ALA A 177 -40.14 -44.09 37.16
N GLU A 178 -41.32 -44.69 37.18
CA GLU A 178 -42.57 -43.96 37.03
C GLU A 178 -42.85 -43.16 38.29
N GLY A 179 -43.38 -41.95 38.10
CA GLY A 179 -43.68 -41.06 39.21
C GLY A 179 -43.43 -39.62 38.85
N SER A 180 -43.40 -38.76 39.86
CA SER A 180 -43.15 -37.33 39.65
C SER A 180 -42.14 -36.82 40.67
N THR A 181 -41.25 -35.95 40.21
CA THR A 181 -40.21 -35.39 41.06
C THR A 181 -39.77 -34.04 40.50
N THR A 182 -38.59 -33.57 40.92
CA THR A 182 -38.10 -32.26 40.49
C THR A 182 -36.58 -32.28 40.31
N ILE A 183 -36.11 -31.47 39.36
CA ILE A 183 -34.68 -31.28 39.14
C ILE A 183 -34.25 -29.89 39.62
N THR A 184 -33.17 -29.85 40.39
CA THR A 184 -32.65 -28.62 40.93
C THR A 184 -31.37 -28.21 40.20
N ILE A 185 -31.36 -26.98 39.71
CA ILE A 185 -30.19 -26.40 39.06
C ILE A 185 -29.46 -25.53 40.05
N LYS A 186 -28.13 -25.51 39.93
CA LYS A 186 -27.30 -24.71 40.81
C LYS A 186 -26.15 -24.09 40.03
N SER A 187 -26.08 -22.76 40.10
CA SER A 187 -24.96 -22.03 39.53
C SER A 187 -24.71 -20.78 40.38
N GLY A 188 -23.55 -20.74 41.02
CA GLY A 188 -23.20 -19.64 41.90
C GLY A 188 -24.11 -19.59 43.12
N THR A 189 -24.82 -18.49 43.26
CA THR A 189 -25.68 -18.27 44.41
C THR A 189 -27.07 -18.84 44.14
N LYS A 190 -27.57 -18.60 42.93
CA LYS A 190 -28.97 -18.83 42.62
C LYS A 190 -29.29 -20.28 42.26
N GLU A 191 -30.59 -20.56 42.22
CA GLU A 191 -31.11 -21.90 42.09
C GLU A 191 -32.38 -21.86 41.26
N VAL A 192 -32.64 -22.93 40.52
CA VAL A 192 -33.85 -23.02 39.71
C VAL A 192 -34.34 -24.47 39.71
N LYS A 193 -35.66 -24.63 39.62
CA LYS A 193 -36.27 -25.95 39.71
C LYS A 193 -37.06 -26.29 38.44
N VAL A 194 -37.06 -27.57 38.09
CA VAL A 194 -37.78 -28.07 36.92
C VAL A 194 -38.68 -29.23 37.31
N PRO A 195 -40.00 -29.09 37.13
CA PRO A 195 -40.88 -30.22 37.43
C PRO A 195 -40.73 -31.33 36.38
N VAL A 196 -40.64 -32.56 36.84
CA VAL A 196 -40.46 -33.71 35.97
C VAL A 196 -41.51 -34.76 36.31
N ASN A 197 -42.11 -35.34 35.28
CA ASN A 197 -43.11 -36.39 35.45
C ASN A 197 -42.86 -37.52 34.48
N VAL A 198 -42.21 -38.57 34.96
CA VAL A 198 -41.95 -39.75 34.14
C VAL A 198 -43.23 -40.56 34.01
N VAL A 199 -43.63 -40.86 32.77
CA VAL A 199 -44.88 -41.54 32.49
C VAL A 199 -44.64 -42.72 31.56
N ALA A 200 -45.35 -43.81 31.80
CA ALA A 200 -45.22 -45.02 31.00
C ALA A 200 -46.20 -45.02 29.85
N GLY A 201 -46.04 -44.07 28.92
CA GLY A 201 -46.87 -44.01 27.73
C GLY A 201 -46.24 -44.79 26.59
N GLY A 202 -46.84 -44.67 25.40
CA GLY A 202 -46.28 -45.32 24.22
C GLY A 202 -47.24 -45.78 23.12
N PRO A 203 -48.19 -44.91 22.72
CA PRO A 203 -49.02 -45.18 21.54
C PRO A 203 -48.51 -44.48 20.29
N VAL A 204 -47.18 -44.36 20.16
CA VAL A 204 -46.53 -43.74 19.00
C VAL A 204 -47.28 -42.48 18.53
N ALA A 205 -47.41 -42.31 17.21
CA ALA A 205 -48.11 -41.16 16.60
C ALA A 205 -47.35 -39.86 16.78
N ASN A 206 -47.19 -39.11 15.70
CA ASN A 206 -46.44 -37.85 15.69
C ASN A 206 -44.94 -38.10 15.92
N TYR A 207 -44.12 -37.63 14.97
CA TYR A 207 -42.67 -37.73 15.10
C TYR A 207 -42.06 -36.32 15.20
N GLN A 208 -41.05 -36.17 16.06
CA GLN A 208 -40.39 -34.88 16.26
C GLN A 208 -39.00 -34.83 15.63
N ILE A 209 -38.59 -33.63 15.26
CA ILE A 209 -37.25 -33.37 14.74
C ILE A 209 -36.61 -32.30 15.62
N LYS A 210 -35.48 -32.64 16.23
CA LYS A 210 -34.80 -31.73 17.16
C LYS A 210 -33.43 -31.30 16.67
N VAL A 211 -33.18 -30.00 16.73
CA VAL A 211 -31.88 -29.43 16.41
C VAL A 211 -31.15 -29.15 17.72
N LEU A 212 -30.09 -29.92 17.96
CA LEU A 212 -29.32 -29.81 19.20
C LEU A 212 -28.45 -28.56 19.20
N ASP A 213 -27.65 -28.42 18.16
CA ASP A 213 -26.69 -27.32 18.08
C ASP A 213 -27.34 -26.04 17.58
N ASP A 214 -26.52 -25.11 17.09
CA ASP A 214 -27.00 -23.85 16.54
C ASP A 214 -27.83 -24.07 15.27
N GLY A 215 -27.68 -25.24 14.67
CA GLY A 215 -28.37 -25.56 13.43
C GLY A 215 -27.66 -24.93 12.26
N LYS A 216 -26.35 -24.78 12.39
CA LYS A 216 -25.55 -24.12 11.37
C LYS A 216 -24.15 -24.72 11.26
N ILE A 217 -23.54 -24.55 10.09
CA ILE A 217 -22.14 -24.88 9.86
C ILE A 217 -21.43 -23.67 9.29
N ASP A 218 -20.23 -23.41 9.82
CA ASP A 218 -19.39 -22.31 9.37
C ASP A 218 -18.30 -22.89 8.48
N LYS A 219 -18.33 -22.54 7.19
CA LYS A 219 -17.34 -23.05 6.24
C LYS A 219 -16.08 -22.19 6.25
N SER A 220 -15.98 -21.25 7.18
CA SER A 220 -14.74 -20.52 7.39
C SER A 220 -13.77 -21.47 8.09
N ALA A 221 -12.48 -21.17 8.06
CA ALA A 221 -11.47 -22.12 8.52
C ALA A 221 -11.04 -21.89 9.97
N THR A 222 -11.60 -20.87 10.61
CA THR A 222 -11.19 -20.51 11.96
C THR A 222 -12.36 -19.97 12.78
N GLU A 223 -13.54 -20.58 12.63
CA GLU A 223 -14.69 -20.21 13.45
C GLU A 223 -14.49 -20.73 14.87
N SER A 224 -14.88 -19.93 15.86
CA SER A 224 -14.76 -20.32 17.26
C SER A 224 -16.01 -19.92 18.04
N PRO A 225 -16.61 -20.86 18.80
CA PRO A 225 -16.16 -22.24 18.97
C PRO A 225 -16.35 -23.06 17.70
N ALA A 226 -15.67 -24.21 17.63
CA ALA A 226 -15.69 -25.05 16.44
C ALA A 226 -17.11 -25.40 16.02
N ASN A 227 -17.57 -24.76 14.95
CA ASN A 227 -18.92 -24.96 14.45
C ASN A 227 -18.92 -25.50 13.02
N ASN A 228 -18.37 -26.71 12.87
CA ASN A 228 -18.33 -27.38 11.58
C ASN A 228 -19.24 -28.60 11.57
N ASP A 229 -20.40 -28.47 12.21
CA ASP A 229 -21.35 -29.58 12.25
C ASP A 229 -22.76 -29.17 12.68
N VAL A 230 -23.71 -30.03 12.34
CA VAL A 230 -25.07 -29.95 12.86
C VAL A 230 -25.43 -31.29 13.45
N GLN A 231 -26.04 -31.25 14.63
CA GLN A 231 -26.28 -32.44 15.43
C GLN A 231 -27.78 -32.72 15.54
N LEU A 232 -28.18 -33.90 15.09
CA LEU A 232 -29.59 -34.25 15.02
C LEU A 232 -29.92 -35.56 15.74
N LYS A 233 -31.20 -35.74 16.02
CA LYS A 233 -31.73 -36.94 16.64
C LYS A 233 -33.23 -37.02 16.41
N VAL A 234 -33.70 -38.20 16.01
CA VAL A 234 -35.13 -38.41 15.76
C VAL A 234 -35.78 -39.11 16.95
N TYR A 235 -36.89 -38.55 17.41
CA TYR A 235 -37.62 -39.10 18.55
C TYR A 235 -39.05 -39.45 18.18
N ALA A 236 -39.52 -40.57 18.72
CA ALA A 236 -40.93 -40.91 18.68
C ALA A 236 -41.56 -40.35 19.94
N VAL A 237 -42.70 -39.70 19.77
CA VAL A 237 -43.44 -39.11 20.90
C VAL A 237 -44.83 -39.72 20.93
N ASP A 238 -45.52 -39.62 22.07
CA ASP A 238 -46.89 -40.10 22.17
C ASP A 238 -47.88 -38.98 21.81
N ALA A 239 -49.15 -39.20 22.08
CA ALA A 239 -50.17 -38.18 21.81
C ALA A 239 -50.00 -36.99 22.75
N ASN A 240 -49.68 -37.28 24.00
CA ASN A 240 -49.60 -36.25 25.03
C ASN A 240 -48.27 -35.49 25.07
N GLY A 241 -47.44 -35.69 24.05
CA GLY A 241 -46.18 -34.97 23.91
C GLY A 241 -45.08 -35.45 24.84
N ASN A 242 -44.87 -36.77 24.86
CA ASN A 242 -43.83 -37.38 25.70
C ASN A 242 -43.00 -38.39 24.91
N ILE A 243 -41.68 -38.28 25.04
CA ILE A 243 -40.75 -39.08 24.23
C ILE A 243 -40.75 -40.54 24.65
N VAL A 244 -40.93 -41.43 23.67
CA VAL A 244 -41.06 -42.87 23.94
C VAL A 244 -39.89 -43.69 23.39
N GLY A 245 -39.16 -43.14 22.42
CA GLY A 245 -38.05 -43.87 21.84
C GLY A 245 -37.16 -43.08 20.91
N ASP A 246 -36.03 -43.69 20.55
CA ASP A 246 -35.09 -43.12 19.59
C ASP A 246 -34.98 -44.07 18.41
N ILE A 247 -35.10 -43.53 17.20
CA ILE A 247 -35.06 -44.31 15.97
C ILE A 247 -34.13 -43.67 14.93
N THR A 248 -33.13 -42.95 15.42
CA THR A 248 -32.22 -42.20 14.56
C THR A 248 -31.47 -43.12 13.60
N ASN A 249 -31.35 -44.40 13.97
CA ASN A 249 -30.56 -45.35 13.20
C ASN A 249 -31.36 -46.06 12.11
N ASP A 250 -32.68 -46.03 12.21
CA ASP A 250 -33.55 -46.76 11.28
C ASP A 250 -34.12 -45.86 10.19
N VAL A 251 -33.55 -44.67 10.04
CA VAL A 251 -34.08 -43.65 9.13
C VAL A 251 -33.09 -43.25 8.05
N THR A 252 -33.61 -42.97 6.85
CA THR A 252 -32.81 -42.62 5.70
C THR A 252 -33.00 -41.14 5.37
N ILE A 253 -31.92 -40.36 5.47
CA ILE A 253 -31.98 -38.93 5.16
C ILE A 253 -31.33 -38.65 3.82
N THR A 254 -31.92 -37.71 3.09
CA THR A 254 -31.47 -37.42 1.74
C THR A 254 -31.61 -35.93 1.42
N SER A 255 -30.59 -35.39 0.77
CA SER A 255 -30.66 -34.06 0.19
C SER A 255 -31.13 -34.22 -1.25
N GLU A 256 -31.15 -33.12 -2.00
CA GLU A 256 -31.55 -33.17 -3.40
C GLU A 256 -30.59 -34.03 -4.22
N ALA A 257 -31.07 -34.51 -5.38
CA ALA A 257 -30.28 -35.38 -6.24
C ALA A 257 -29.04 -34.65 -6.75
N THR A 258 -29.20 -33.36 -7.04
CA THR A 258 -28.12 -32.51 -7.50
C THR A 258 -28.31 -31.10 -6.96
N ASP A 259 -27.21 -30.42 -6.62
CA ASP A 259 -27.26 -29.11 -5.98
C ASP A 259 -28.04 -28.08 -6.80
N THR A 260 -28.63 -27.11 -6.10
CA THR A 260 -29.43 -26.06 -6.76
C THR A 260 -29.29 -24.70 -6.07
N ASN A 261 -28.52 -24.64 -4.97
CA ASN A 261 -28.36 -23.41 -4.20
C ASN A 261 -26.90 -23.15 -3.78
N GLY A 262 -25.99 -23.99 -4.26
CA GLY A 262 -24.58 -23.86 -3.90
C GLY A 262 -24.29 -24.27 -2.47
N VAL A 263 -25.30 -24.87 -1.83
CA VAL A 263 -25.20 -25.35 -0.47
C VAL A 263 -25.23 -26.87 -0.49
N ILE A 264 -24.05 -27.47 -0.35
CA ILE A 264 -23.90 -28.92 -0.47
C ILE A 264 -23.32 -29.48 0.81
N VAL A 265 -23.84 -30.62 1.22
CA VAL A 265 -23.46 -31.22 2.50
C VAL A 265 -23.47 -32.75 2.44
N ASN A 266 -23.06 -33.37 3.54
CA ASN A 266 -23.11 -34.82 3.68
C ASN A 266 -23.67 -35.18 5.05
N ALA A 267 -24.58 -36.14 5.06
CA ALA A 267 -25.18 -36.64 6.30
C ALA A 267 -24.57 -37.98 6.65
N SER A 268 -24.51 -38.29 7.93
CA SER A 268 -23.91 -39.55 8.37
C SER A 268 -24.24 -39.87 9.83
N LYS A 269 -24.58 -41.13 10.09
CA LYS A 269 -24.86 -41.61 11.44
C LYS A 269 -23.55 -41.87 12.18
N SER A 270 -23.51 -41.49 13.45
CA SER A 270 -22.32 -41.71 14.29
C SER A 270 -22.72 -42.40 15.59
N THR A 271 -22.76 -43.73 15.55
CA THR A 271 -23.24 -44.52 16.68
C THR A 271 -22.18 -44.63 17.77
N ALA A 272 -22.64 -44.69 19.02
CA ALA A 272 -21.75 -44.83 20.17
C ALA A 272 -22.58 -45.11 21.42
N ASN A 273 -22.23 -46.17 22.14
CA ASN A 273 -22.90 -46.54 23.38
C ASN A 273 -24.38 -46.88 23.18
N GLY A 274 -24.74 -47.25 21.94
CA GLY A 274 -26.13 -47.51 21.61
C GLY A 274 -26.90 -46.24 21.33
N ASP A 275 -26.25 -45.10 21.58
CA ASP A 275 -26.84 -43.79 21.31
C ASP A 275 -26.40 -43.31 19.94
N THR A 276 -27.36 -43.17 19.02
CA THR A 276 -27.04 -42.82 17.64
C THR A 276 -27.34 -41.34 17.38
N VAL A 277 -26.41 -40.68 16.69
CA VAL A 277 -26.56 -39.28 16.31
C VAL A 277 -26.35 -39.14 14.81
N TYR A 278 -27.12 -38.24 14.19
CA TYR A 278 -26.94 -37.95 12.77
C TYR A 278 -26.17 -36.64 12.61
N VAL A 279 -25.00 -36.73 12.00
CA VAL A 279 -24.11 -35.60 11.85
C VAL A 279 -24.14 -35.08 10.42
N ILE A 280 -24.08 -33.75 10.28
CA ILE A 280 -24.00 -33.11 8.99
C ILE A 280 -22.66 -32.39 8.86
N THR A 281 -22.12 -32.36 7.65
CA THR A 281 -20.83 -31.73 7.40
C THR A 281 -20.81 -31.05 6.03
N ASP A 282 -19.85 -30.15 5.84
CA ASP A 282 -19.70 -29.45 4.57
C ASP A 282 -19.12 -30.40 3.51
N ASN A 283 -19.59 -30.25 2.28
CA ASN A 283 -19.13 -31.08 1.17
C ASN A 283 -18.46 -30.22 0.10
N GLY A 284 -18.01 -29.05 0.50
CA GLY A 284 -17.45 -28.07 -0.43
C GLY A 284 -18.15 -26.74 -0.22
N SER A 285 -19.33 -26.60 -0.84
CA SER A 285 -20.22 -25.46 -0.61
C SER A 285 -19.58 -24.14 -1.06
N LYS A 286 -20.01 -23.66 -2.22
CA LYS A 286 -19.52 -22.39 -2.75
C LYS A 286 -20.27 -21.21 -2.17
N LYS A 287 -21.55 -21.42 -1.88
CA LYS A 287 -22.39 -20.35 -1.37
C LYS A 287 -22.92 -20.69 0.01
N VAL A 288 -23.48 -19.67 0.65
CA VAL A 288 -24.19 -19.83 1.91
C VAL A 288 -25.68 -19.89 1.59
N GLY A 289 -26.47 -20.30 2.57
CA GLY A 289 -27.91 -20.34 2.42
C GLY A 289 -28.51 -21.55 3.10
N LYS A 290 -29.82 -21.72 2.92
CA LYS A 290 -30.55 -22.84 3.50
C LYS A 290 -30.48 -24.04 2.58
N GLU A 291 -30.57 -25.24 3.16
CA GLU A 291 -30.69 -26.47 2.39
C GLU A 291 -31.62 -27.42 3.12
N THR A 292 -32.83 -27.60 2.57
CA THR A 292 -33.81 -28.47 3.19
C THR A 292 -33.36 -29.92 3.16
N LEU A 293 -33.68 -30.65 4.23
CA LEU A 293 -33.34 -32.07 4.32
C LEU A 293 -34.60 -32.91 4.46
N THR A 294 -34.63 -34.02 3.73
CA THR A 294 -35.78 -34.91 3.71
C THR A 294 -35.52 -36.16 4.56
N VAL A 295 -36.31 -36.32 5.61
CA VAL A 295 -36.23 -37.50 6.45
C VAL A 295 -37.11 -38.59 5.86
N LYS A 296 -36.71 -39.84 6.03
CA LYS A 296 -37.52 -40.97 5.60
C LYS A 296 -37.30 -42.13 6.55
N LEU A 297 -38.35 -42.95 6.70
CA LEU A 297 -38.26 -44.16 7.51
C LEU A 297 -38.25 -45.37 6.59
N GLY A 298 -37.17 -45.51 5.82
CA GLY A 298 -37.05 -46.58 4.86
C GLY A 298 -37.54 -46.14 3.50
N THR A 299 -38.83 -45.84 3.40
CA THR A 299 -39.45 -45.50 2.12
C THR A 299 -40.54 -44.44 2.29
N VAL A 300 -40.76 -44.01 3.52
CA VAL A 300 -41.98 -43.27 3.85
C VAL A 300 -41.89 -41.79 3.48
N THR A 301 -41.10 -41.07 4.29
CA THR A 301 -41.10 -39.59 4.39
C THR A 301 -41.88 -39.22 5.64
N LEU A 302 -41.24 -38.47 6.52
CA LEU A 302 -41.83 -38.08 7.79
C LEU A 302 -42.03 -36.58 7.85
N GLY A 303 -40.93 -35.85 7.92
CA GLY A 303 -40.96 -34.40 7.98
C GLY A 303 -39.68 -33.85 7.41
N THR A 304 -39.66 -32.55 7.15
CA THR A 304 -38.49 -31.89 6.58
C THR A 304 -37.96 -30.83 7.53
N VAL A 305 -36.67 -30.52 7.37
CA VAL A 305 -36.03 -29.50 8.19
C VAL A 305 -34.93 -28.81 7.39
N ASP A 306 -34.75 -27.53 7.66
CA ASP A 306 -33.79 -26.71 6.94
C ASP A 306 -32.58 -26.43 7.83
N VAL A 307 -31.40 -26.71 7.28
CA VAL A 307 -30.13 -26.31 7.90
C VAL A 307 -29.59 -25.09 7.18
N GLU A 308 -28.60 -24.42 7.77
CA GLU A 308 -28.07 -23.18 7.22
C GLU A 308 -26.54 -23.17 7.20
N VAL A 309 -25.99 -22.84 6.03
CA VAL A 309 -24.55 -22.71 5.87
C VAL A 309 -24.17 -21.24 5.96
N ILE A 310 -22.99 -20.98 6.49
CA ILE A 310 -22.48 -19.63 6.60
C ILE A 310 -20.97 -19.60 6.43
N ASP A 311 -20.45 -18.47 5.97
CA ASP A 311 -19.03 -18.20 5.96
C ASP A 311 -18.84 -16.86 6.66
N THR A 312 -17.82 -16.81 7.53
CA THR A 312 -17.69 -15.68 8.44
C THR A 312 -16.24 -15.19 8.50
N THR A 313 -15.65 -15.28 9.69
CA THR A 313 -14.40 -14.58 9.98
C THR A 313 -14.50 -13.13 9.50
N LEU A 314 -14.07 -12.88 8.28
CA LEU A 314 -14.09 -11.54 7.70
C LEU A 314 -14.06 -11.66 6.19
N LYS A 315 -15.01 -11.00 5.55
CA LYS A 315 -15.13 -11.03 4.10
C LYS A 315 -15.42 -9.62 3.63
N ALA A 316 -14.58 -9.10 2.75
CA ALA A 316 -14.78 -7.77 2.19
C ALA A 316 -16.18 -7.70 1.54
N THR A 317 -16.84 -6.55 1.67
CA THR A 317 -18.22 -6.42 1.22
C THR A 317 -18.54 -5.02 0.70
N VAL A 318 -18.10 -4.00 1.44
CA VAL A 318 -18.39 -2.61 1.08
C VAL A 318 -17.12 -1.86 0.66
N VAL A 319 -17.26 -1.03 -0.36
CA VAL A 319 -16.12 -0.30 -0.92
C VAL A 319 -16.57 1.07 -1.43
N THR A 320 -15.77 2.08 -1.18
CA THR A 320 -16.07 3.44 -1.62
C THR A 320 -14.80 4.18 -2.01
N LYS A 321 -14.88 4.90 -3.13
CA LYS A 321 -13.81 5.79 -3.55
C LYS A 321 -14.02 7.13 -2.88
N LYS A 322 -12.92 7.82 -2.58
CA LYS A 322 -12.98 9.11 -1.91
C LYS A 322 -13.04 10.22 -2.93
N ALA A 323 -12.05 10.25 -3.82
CA ALA A 323 -11.99 11.22 -4.89
C ALA A 323 -12.13 10.50 -6.22
N ASP A 324 -12.64 11.20 -7.22
CA ASP A 324 -12.80 10.66 -8.55
C ASP A 324 -11.52 10.88 -9.36
N LEU A 325 -10.41 11.13 -8.67
CA LEU A 325 -9.15 11.47 -9.31
C LEU A 325 -7.96 11.41 -8.36
N ILE A 326 -6.79 11.06 -8.92
CA ILE A 326 -5.52 11.22 -8.23
C ILE A 326 -4.43 11.61 -9.23
N GLU A 327 -3.44 12.36 -8.74
CA GLU A 327 -2.31 12.78 -9.56
C GLU A 327 -1.02 12.40 -8.85
N LEU A 328 -0.12 11.76 -9.58
CA LEU A 328 1.05 11.14 -8.99
C LEU A 328 2.23 12.10 -8.85
N ASP A 329 3.10 11.78 -7.90
CA ASP A 329 4.33 12.50 -7.69
C ASP A 329 5.50 11.50 -7.65
N ALA A 330 6.71 12.01 -7.43
CA ALA A 330 7.90 11.17 -7.44
C ALA A 330 7.88 10.12 -6.34
N ALA A 331 7.20 10.43 -5.23
CA ALA A 331 7.15 9.53 -4.08
C ALA A 331 6.48 8.22 -4.41
N ASP A 332 5.70 8.21 -5.49
CA ASP A 332 5.05 7.01 -5.97
C ASP A 332 6.03 6.10 -6.73
N ASN A 333 7.18 6.66 -7.09
CA ASN A 333 8.28 5.91 -7.69
C ASN A 333 7.93 5.18 -9.00
N GLY A 334 6.76 5.47 -9.55
CA GLY A 334 6.35 4.92 -10.83
C GLY A 334 5.50 3.66 -10.72
N ASP A 335 4.71 3.58 -9.65
CA ASP A 335 3.76 2.48 -9.50
C ASP A 335 2.51 3.00 -8.81
N ALA A 336 1.42 3.08 -9.56
CA ALA A 336 0.22 3.78 -9.14
C ALA A 336 -0.66 2.95 -8.22
N LEU A 337 -0.08 1.93 -7.58
CA LEU A 337 -0.85 1.04 -6.72
C LEU A 337 -0.98 1.61 -5.32
N ALA A 338 0.08 2.25 -4.84
CA ALA A 338 0.12 2.80 -3.50
C ALA A 338 -0.96 3.88 -3.32
N LYS A 339 -0.85 4.94 -4.12
CA LYS A 339 -1.72 6.10 -3.99
C LYS A 339 -3.18 5.78 -4.35
N LEU A 340 -3.37 4.74 -5.15
CA LEU A 340 -4.71 4.30 -5.50
C LEU A 340 -5.42 3.76 -4.28
N LEU A 341 -4.75 2.83 -3.60
CA LEU A 341 -5.33 2.12 -2.46
C LEU A 341 -5.77 3.08 -1.36
N ALA A 342 -5.08 4.21 -1.27
CA ALA A 342 -5.37 5.22 -0.27
C ALA A 342 -6.68 5.95 -0.60
N ASN A 343 -7.07 5.91 -1.87
CA ASN A 343 -8.29 6.57 -2.31
C ASN A 343 -9.50 5.65 -2.19
N LEU A 344 -9.36 4.61 -1.38
CA LEU A 344 -10.42 3.62 -1.20
C LEU A 344 -10.63 3.27 0.27
N ASP A 345 -11.90 3.28 0.68
CA ASP A 345 -12.27 2.82 2.00
C ASP A 345 -12.89 1.44 1.84
N ILE A 346 -12.45 0.50 2.66
CA ILE A 346 -13.00 -0.85 2.66
C ILE A 346 -13.62 -1.17 4.00
N LYS A 347 -14.75 -1.87 3.96
CA LYS A 347 -15.45 -2.30 5.16
C LYS A 347 -16.06 -3.68 4.97
N ASP A 348 -16.08 -4.47 6.04
CA ASP A 348 -16.50 -5.86 5.97
C ASP A 348 -18.02 -6.01 6.12
N GLN A 349 -18.47 -7.23 6.44
CA GLN A 349 -19.90 -7.52 6.61
C GLN A 349 -20.53 -6.60 7.66
N ASN A 350 -19.74 -6.26 8.68
CA ASN A 350 -20.22 -5.48 9.81
C ASN A 350 -20.10 -3.98 9.59
N GLY A 351 -19.72 -3.59 8.36
CA GLY A 351 -19.44 -2.20 8.06
C GLY A 351 -18.22 -1.74 8.83
N ASN A 352 -17.30 -2.67 9.06
CA ASN A 352 -16.10 -2.43 9.87
C ASN A 352 -14.83 -2.37 9.01
N PRO A 353 -13.98 -1.35 9.23
CA PRO A 353 -12.81 -1.15 8.37
C PRO A 353 -11.86 -2.33 8.26
N MET A 354 -11.00 -2.29 7.25
CA MET A 354 -10.00 -3.31 6.99
C MET A 354 -8.74 -2.59 6.50
N VAL A 355 -7.59 -2.88 7.12
CA VAL A 355 -6.37 -2.09 6.87
C VAL A 355 -5.08 -2.90 6.97
N ASP A 356 -4.11 -2.48 6.16
CA ASP A 356 -2.75 -2.97 6.24
C ASP A 356 -2.12 -2.54 7.56
N SER A 357 -2.02 -3.47 8.51
CA SER A 357 -1.39 -3.16 9.80
C SER A 357 0.13 -3.16 9.66
N ALA A 358 0.80 -2.29 10.42
CA ALA A 358 2.26 -2.20 10.37
C ALA A 358 2.92 -3.37 11.10
N ALA A 359 2.10 -4.15 11.82
CA ALA A 359 2.55 -5.37 12.46
C ALA A 359 2.91 -6.42 11.40
N THR A 360 2.39 -6.21 10.19
CA THR A 360 2.66 -7.07 9.05
C THR A 360 3.37 -6.26 7.96
N PRO A 361 4.68 -5.98 8.16
CA PRO A 361 5.40 -5.03 7.31
C PRO A 361 5.50 -5.46 5.85
N ASN A 362 5.79 -6.73 5.64
CA ASN A 362 6.04 -7.27 4.31
C ASN A 362 4.82 -7.94 3.69
N THR A 363 3.63 -7.54 4.12
CA THR A 363 2.40 -8.03 3.54
C THR A 363 1.21 -7.13 3.86
N ASN A 364 0.47 -6.77 2.82
CA ASN A 364 -0.65 -5.85 2.97
C ASN A 364 -1.97 -6.58 3.11
N GLU A 365 -2.74 -6.19 4.11
CA GLU A 365 -4.04 -6.79 4.40
C GLU A 365 -5.10 -6.19 3.50
N LYS A 366 -5.12 -4.85 3.44
CA LYS A 366 -6.10 -4.11 2.65
C LYS A 366 -6.00 -4.50 1.18
N LEU A 367 -4.79 -4.82 0.74
CA LEU A 367 -4.54 -5.29 -0.62
C LEU A 367 -5.07 -6.71 -0.77
N GLN A 368 -4.44 -7.62 -0.05
CA GLN A 368 -4.79 -9.04 -0.07
C GLN A 368 -6.30 -9.23 0.12
N ALA A 369 -6.92 -8.28 0.81
CA ALA A 369 -8.37 -8.26 0.99
C ALA A 369 -9.05 -7.95 -0.34
N LEU A 370 -8.53 -6.94 -1.04
CA LEU A 370 -9.11 -6.51 -2.30
C LEU A 370 -8.88 -7.55 -3.40
N LYS A 371 -7.79 -8.29 -3.29
CA LYS A 371 -7.44 -9.30 -4.27
C LYS A 371 -8.51 -10.39 -4.32
N SER A 372 -9.10 -10.69 -3.17
CA SER A 372 -10.09 -11.75 -3.06
C SER A 372 -11.38 -11.41 -3.79
N VAL A 373 -11.70 -10.12 -3.86
CA VAL A 373 -12.98 -9.64 -4.40
C VAL A 373 -12.84 -9.08 -5.81
N LEU A 374 -11.63 -8.70 -6.18
CA LEU A 374 -11.39 -8.15 -7.52
C LEU A 374 -11.29 -9.25 -8.57
N SER A 375 -11.75 -8.94 -9.78
CA SER A 375 -11.74 -9.89 -10.88
C SER A 375 -10.82 -9.38 -11.98
N GLY A 376 -10.89 -8.08 -12.24
CA GLY A 376 -10.07 -7.48 -13.26
C GLY A 376 -10.10 -5.97 -13.22
N ILE A 377 -9.14 -5.35 -13.91
CA ILE A 377 -9.10 -3.89 -14.04
C ILE A 377 -8.86 -3.56 -15.49
N VAL A 378 -9.50 -2.50 -15.96
CA VAL A 378 -9.45 -2.13 -17.37
C VAL A 378 -8.92 -0.73 -17.54
N SER A 379 -7.64 -0.63 -17.88
CA SER A 379 -7.03 0.65 -18.20
C SER A 379 -7.62 1.15 -19.51
N SER A 380 -8.02 2.41 -19.53
CA SER A 380 -8.54 3.04 -20.75
C SER A 380 -7.45 3.12 -21.81
N ASP A 381 -6.21 3.14 -21.36
CA ASP A 381 -5.06 3.21 -22.26
C ASP A 381 -3.94 2.31 -21.76
N THR A 382 -3.68 1.25 -22.51
CA THR A 382 -2.66 0.26 -22.16
C THR A 382 -1.25 0.82 -22.36
N SER A 383 -1.11 1.73 -23.32
CA SER A 383 0.19 2.36 -23.59
C SER A 383 0.66 3.21 -22.42
N VAL A 384 -0.28 3.50 -21.51
CA VAL A 384 -0.01 4.28 -20.32
C VAL A 384 0.19 3.34 -19.13
N ILE A 385 -0.87 2.61 -18.78
CA ILE A 385 -0.82 1.61 -17.72
C ILE A 385 -1.51 0.32 -18.16
N GLY A 386 -0.86 -0.80 -17.91
CA GLY A 386 -1.38 -2.09 -18.32
C GLY A 386 -2.58 -2.49 -17.52
N SER A 387 -3.66 -2.86 -18.22
CA SER A 387 -4.85 -3.38 -17.58
C SER A 387 -4.49 -4.64 -16.79
N VAL A 388 -5.41 -5.08 -15.93
CA VAL A 388 -5.18 -6.28 -15.12
C VAL A 388 -6.19 -7.38 -15.46
N SER A 389 -5.67 -8.44 -16.06
CA SER A 389 -6.45 -9.65 -16.32
C SER A 389 -6.31 -10.55 -15.10
N ASN A 390 -5.08 -10.95 -14.83
CA ASN A 390 -4.76 -11.76 -13.66
C ASN A 390 -4.56 -10.87 -12.45
N VAL A 391 -5.24 -11.21 -11.37
CA VAL A 391 -5.20 -10.41 -10.15
C VAL A 391 -4.00 -10.79 -9.28
N ASP A 392 -3.50 -12.02 -9.44
CA ASP A 392 -2.37 -12.50 -8.66
C ASP A 392 -1.07 -11.76 -9.05
N ASN A 393 -1.14 -10.91 -10.08
CA ASN A 393 -0.02 -10.04 -10.45
C ASN A 393 0.18 -8.91 -9.44
N LEU A 394 -0.85 -8.63 -8.66
CA LEU A 394 -0.79 -7.62 -7.61
C LEU A 394 -0.20 -8.25 -6.35
N LYS A 395 0.79 -7.58 -5.76
CA LYS A 395 1.49 -8.14 -4.61
C LYS A 395 2.13 -7.03 -3.80
N ASP A 396 2.38 -7.31 -2.52
CA ASP A 396 3.00 -6.35 -1.63
C ASP A 396 3.96 -7.03 -0.67
N ASP A 397 5.24 -7.03 -1.06
CA ASP A 397 6.33 -7.36 -0.15
C ASP A 397 7.20 -6.11 -0.10
N ALA A 398 6.74 -5.13 0.67
CA ALA A 398 7.31 -3.77 0.64
C ALA A 398 7.09 -3.14 -0.73
N SER A 399 7.63 -3.77 -1.77
CA SER A 399 7.40 -3.32 -3.14
C SER A 399 5.94 -3.49 -3.51
N ILE A 400 5.14 -2.47 -3.22
CA ILE A 400 3.70 -2.51 -3.49
C ILE A 400 3.50 -2.33 -4.98
N SER A 401 3.02 -3.38 -5.64
CA SER A 401 2.95 -3.38 -7.10
C SER A 401 1.94 -4.41 -7.64
N GLY A 402 1.52 -4.25 -8.90
CA GLY A 402 2.00 -3.21 -9.78
C GLY A 402 1.08 -2.79 -10.90
N LEU A 403 0.73 -1.51 -10.89
CA LEU A 403 0.15 -0.86 -12.06
C LEU A 403 1.24 0.04 -12.62
N ALA A 404 2.24 -0.62 -13.21
CA ALA A 404 3.46 0.04 -13.66
C ALA A 404 3.14 1.16 -14.65
N VAL A 405 4.06 2.11 -14.75
CA VAL A 405 3.91 3.25 -15.64
C VAL A 405 4.79 3.08 -16.87
N LYS A 406 4.20 3.28 -18.05
CA LYS A 406 4.88 3.08 -19.32
C LYS A 406 5.20 4.40 -19.98
N LYS A 407 4.27 5.34 -19.85
CA LYS A 407 4.33 6.60 -20.58
C LYS A 407 3.55 7.67 -19.84
N ALA A 408 3.93 8.93 -20.05
CA ALA A 408 3.20 10.06 -19.48
C ALA A 408 1.83 10.18 -20.15
N GLY A 409 0.79 10.35 -19.33
CA GLY A 409 -0.55 10.53 -19.84
C GLY A 409 -1.57 10.55 -18.71
N THR A 410 -2.84 10.40 -19.06
CA THR A 410 -3.92 10.37 -18.08
C THR A 410 -4.93 9.31 -18.53
N VAL A 411 -5.50 8.59 -17.56
CA VAL A 411 -6.29 7.40 -17.87
C VAL A 411 -7.50 7.21 -16.97
N THR A 412 -8.23 6.14 -17.24
CA THR A 412 -9.40 5.74 -16.47
C THR A 412 -9.26 4.27 -16.11
N LEU A 413 -9.15 3.98 -14.83
CA LEU A 413 -9.05 2.60 -14.36
C LEU A 413 -10.34 2.18 -13.68
N THR A 414 -11.11 1.35 -14.37
CA THR A 414 -12.33 0.80 -13.80
C THR A 414 -12.04 -0.58 -13.24
N LEU A 415 -12.60 -0.86 -12.06
CA LEU A 415 -12.36 -2.11 -11.37
C LEU A 415 -13.52 -3.06 -11.53
N VAL A 416 -13.20 -4.36 -11.59
CA VAL A 416 -14.19 -5.39 -11.82
C VAL A 416 -14.24 -6.33 -10.62
N PHE A 417 -15.29 -6.19 -9.82
CA PHE A 417 -15.48 -7.04 -8.66
C PHE A 417 -16.29 -8.26 -9.04
N ASN A 418 -16.20 -9.30 -8.23
CA ASN A 418 -16.97 -10.51 -8.44
C ASN A 418 -18.45 -10.21 -8.29
N GLU A 419 -19.28 -10.90 -9.07
CA GLU A 419 -20.72 -10.84 -8.91
C GLU A 419 -21.12 -11.37 -7.53
N ASP A 420 -20.21 -12.12 -6.92
CA ASP A 420 -20.40 -12.67 -5.58
C ASP A 420 -20.56 -11.54 -4.57
N SER A 421 -19.67 -10.56 -4.66
CA SER A 421 -19.72 -9.40 -3.79
C SER A 421 -20.85 -8.47 -4.22
N LYS A 422 -21.29 -8.61 -5.46
CA LYS A 422 -22.38 -7.82 -6.02
C LYS A 422 -22.01 -6.34 -6.06
N ILE A 423 -20.70 -6.08 -5.95
CA ILE A 423 -20.20 -4.71 -5.93
C ILE A 423 -20.05 -4.19 -7.33
N ALA A 424 -20.76 -3.12 -7.63
CA ALA A 424 -20.71 -2.50 -8.94
C ALA A 424 -19.30 -1.96 -9.19
N PRO A 425 -18.89 -1.92 -10.46
CA PRO A 425 -17.59 -1.33 -10.83
C PRO A 425 -17.46 0.09 -10.30
N ILE A 426 -16.22 0.51 -10.04
CA ILE A 426 -15.94 1.85 -9.55
C ILE A 426 -14.79 2.42 -10.36
N ALA A 427 -15.07 3.50 -11.07
CA ALA A 427 -14.10 4.10 -11.97
C ALA A 427 -13.26 5.15 -11.25
N ILE A 428 -11.96 5.15 -11.53
CA ILE A 428 -11.04 6.15 -10.99
C ILE A 428 -10.19 6.71 -12.11
N THR A 429 -10.00 8.03 -12.08
CA THR A 429 -9.14 8.71 -13.03
C THR A 429 -7.76 8.82 -12.41
N VAL A 430 -6.74 8.66 -13.25
CA VAL A 430 -5.35 8.76 -12.80
C VAL A 430 -4.52 9.55 -13.77
N LYS A 431 -3.87 10.57 -13.26
CA LYS A 431 -3.01 11.43 -14.06
C LYS A 431 -1.55 11.03 -13.84
N ALA A 432 -0.87 10.75 -14.96
CA ALA A 432 0.56 10.44 -14.94
C ALA A 432 1.31 11.61 -15.58
N PRO A 433 1.72 12.59 -14.76
CA PRO A 433 2.32 13.78 -15.35
C PRO A 433 3.75 13.55 -15.81
N ALA A 434 4.14 14.23 -16.88
CA ALA A 434 5.52 14.16 -17.36
C ALA A 434 6.37 15.15 -16.59
N ALA A 435 7.63 14.80 -16.36
CA ALA A 435 8.56 15.69 -15.68
C ALA A 435 8.74 17.00 -16.45
N THR A 436 9.09 18.06 -15.72
CA THR A 436 9.33 19.35 -16.32
C THR A 436 10.39 20.08 -15.49
N GLN A 437 10.60 21.35 -15.80
CA GLN A 437 11.59 22.17 -15.09
C GLN A 437 11.34 22.23 -13.59
N ASP A 438 10.06 22.14 -13.21
CA ASP A 438 9.67 22.26 -11.81
C ASP A 438 10.44 21.32 -10.88
N GLY A 439 10.86 20.18 -11.42
CA GLY A 439 11.55 19.17 -10.65
C GLY A 439 13.06 19.25 -10.80
N VAL A 440 13.55 20.39 -11.28
CA VAL A 440 14.98 20.59 -11.52
C VAL A 440 15.66 21.33 -10.37
N THR A 441 16.74 20.74 -9.86
CA THR A 441 17.48 21.31 -8.74
C THR A 441 18.51 22.31 -9.26
N VAL A 442 19.36 21.85 -10.17
CA VAL A 442 20.43 22.70 -10.71
C VAL A 442 19.86 23.91 -11.45
N THR A 443 20.31 25.08 -11.03
CA THR A 443 19.74 26.33 -11.50
C THR A 443 20.68 27.03 -12.48
N GLY A 444 20.10 27.71 -13.46
CA GLY A 444 20.86 28.56 -14.36
C GLY A 444 21.60 27.74 -15.41
N LEU A 445 20.87 26.82 -16.04
CA LEU A 445 21.47 25.94 -17.03
C LEU A 445 21.31 26.50 -18.45
N ASP A 446 22.43 26.79 -19.09
CA ASP A 446 22.44 27.18 -20.50
C ASP A 446 23.71 26.60 -21.12
N LEU A 447 23.79 26.65 -22.44
CA LEU A 447 24.91 26.04 -23.17
C LEU A 447 25.97 27.07 -23.57
N VAL A 448 27.17 26.57 -23.85
CA VAL A 448 28.29 27.39 -24.27
C VAL A 448 29.16 26.61 -25.25
N PRO A 449 30.00 27.32 -26.03
CA PRO A 449 30.92 26.64 -26.95
C PRO A 449 31.91 25.72 -26.21
N GLY A 450 32.21 24.57 -26.80
CA GLY A 450 33.13 23.62 -26.21
C GLY A 450 34.57 24.03 -26.44
N VAL A 451 35.50 23.20 -25.96
CA VAL A 451 36.92 23.49 -26.06
C VAL A 451 37.72 22.21 -26.36
N THR A 452 37.02 21.17 -26.79
CA THR A 452 37.67 19.90 -27.15
C THR A 452 37.90 19.86 -28.66
N GLY A 453 36.93 20.38 -29.41
CA GLY A 453 37.01 20.42 -30.86
C GLY A 453 35.98 21.39 -31.44
N VAL A 454 35.46 21.03 -32.61
CA VAL A 454 34.49 21.87 -33.32
C VAL A 454 33.15 21.16 -33.43
N GLY A 455 32.09 21.94 -33.66
CA GLY A 455 30.76 21.39 -33.77
C GLY A 455 30.34 20.76 -32.46
N LYS A 456 30.78 21.37 -31.35
CA LYS A 456 30.47 20.86 -30.02
C LYS A 456 30.06 21.98 -29.06
N THR A 457 29.55 21.57 -27.91
CA THR A 457 29.07 22.50 -26.88
C THR A 457 29.34 21.91 -25.50
N LYS A 458 28.96 22.66 -24.47
CA LYS A 458 29.23 22.26 -23.08
C LYS A 458 28.13 22.71 -22.12
N PHE A 459 27.99 21.99 -21.02
CA PHE A 459 27.01 22.31 -19.99
C PHE A 459 27.64 23.07 -18.86
N THR A 460 26.85 23.94 -18.23
CA THR A 460 27.28 24.67 -17.06
C THR A 460 26.08 25.31 -16.37
N ALA A 461 26.20 25.48 -15.06
CA ALA A 461 25.11 26.05 -14.27
C ALA A 461 25.65 26.82 -13.08
N THR A 462 24.74 27.38 -12.29
CA THR A 462 25.10 28.21 -11.16
C THR A 462 25.41 27.35 -9.93
N ASP A 463 24.37 26.90 -9.25
CA ASP A 463 24.53 26.09 -8.05
C ASP A 463 24.67 24.63 -8.41
N LYS A 464 25.11 23.82 -7.45
CA LYS A 464 25.21 22.39 -7.63
C LYS A 464 23.83 21.74 -7.47
N ILE A 465 23.76 20.44 -7.71
CA ILE A 465 22.50 19.71 -7.72
C ILE A 465 22.32 19.02 -6.37
N LYS A 466 21.06 18.77 -6.00
CA LYS A 466 20.74 17.99 -4.81
C LYS A 466 21.52 16.68 -4.83
N SER A 467 22.51 16.56 -3.94
CA SER A 467 23.40 15.41 -3.90
C SER A 467 22.68 14.07 -4.01
N GLY A 468 23.14 13.23 -4.93
CA GLY A 468 22.51 11.95 -5.20
C GLY A 468 21.98 11.90 -6.62
N HIS A 469 21.39 13.01 -7.06
CA HIS A 469 20.83 13.09 -8.40
C HIS A 469 21.92 13.06 -9.47
N LYS A 470 21.50 12.87 -10.71
CA LYS A 470 22.42 12.86 -11.85
C LYS A 470 21.72 13.37 -13.10
N LEU A 471 22.48 13.52 -14.18
CA LEU A 471 21.93 13.98 -15.44
C LEU A 471 22.30 13.05 -16.59
N TYR A 472 21.40 12.98 -17.57
CA TYR A 472 21.61 12.24 -18.79
C TYR A 472 20.99 13.06 -19.92
N TYR A 473 21.39 12.78 -21.16
CA TYR A 473 20.87 13.52 -22.30
C TYR A 473 20.65 12.66 -23.53
N ALA A 474 20.16 13.30 -24.58
CA ALA A 474 20.03 12.70 -25.89
C ALA A 474 19.99 13.82 -26.92
N VAL A 475 19.88 13.46 -28.19
CA VAL A 475 19.89 14.45 -29.25
C VAL A 475 19.41 13.86 -30.57
N ASP A 476 18.62 14.65 -31.29
CA ASP A 476 18.15 14.26 -32.61
C ASP A 476 17.62 15.53 -33.27
N ASP A 477 17.17 15.42 -34.51
CA ASP A 477 16.61 16.56 -35.24
C ASP A 477 15.20 16.88 -34.75
N SER A 478 14.75 16.18 -33.71
CA SER A 478 13.46 16.44 -33.09
C SER A 478 13.61 16.38 -31.57
N ALA A 479 12.52 16.69 -30.86
CA ALA A 479 12.52 16.67 -29.40
C ALA A 479 12.07 15.32 -28.88
N VAL A 480 12.67 14.87 -27.77
CA VAL A 480 12.31 13.59 -27.17
C VAL A 480 11.14 13.77 -26.22
N PRO A 481 10.08 12.96 -26.37
CA PRO A 481 8.94 13.04 -25.46
C PRO A 481 9.34 12.95 -23.99
N ALA A 482 8.70 13.76 -23.16
CA ALA A 482 9.01 13.80 -21.74
C ALA A 482 8.42 12.55 -21.09
N PRO A 483 9.19 11.88 -20.22
CA PRO A 483 8.70 10.65 -19.61
C PRO A 483 7.81 10.93 -18.41
N ALA A 484 6.99 9.96 -18.04
CA ALA A 484 6.21 10.08 -16.82
C ALA A 484 7.18 10.10 -15.65
N VAL A 485 6.85 10.88 -14.61
CA VAL A 485 7.69 10.98 -13.42
C VAL A 485 7.63 9.71 -12.55
N GLY A 486 8.80 9.24 -12.12
CA GLY A 486 8.89 8.03 -11.34
C GLY A 486 9.45 6.88 -12.19
N THR A 487 9.38 7.06 -13.50
CA THR A 487 9.90 6.07 -14.45
C THR A 487 11.40 5.89 -14.30
N THR A 488 11.87 4.67 -14.56
CA THR A 488 13.30 4.41 -14.56
C THR A 488 13.90 5.01 -15.82
N ARG A 489 15.19 5.27 -15.78
CA ARG A 489 15.88 5.84 -16.93
C ARG A 489 15.95 4.83 -18.05
N ASN A 490 15.24 5.11 -19.14
CA ASN A 490 15.34 4.29 -20.34
C ASN A 490 16.80 4.33 -20.77
N SER A 491 17.60 3.40 -20.22
CA SER A 491 19.05 3.37 -20.42
C SER A 491 19.46 3.18 -21.89
N THR A 492 18.48 2.93 -22.75
CA THR A 492 18.73 2.78 -24.18
C THR A 492 18.71 4.13 -24.89
N LYS A 493 17.69 4.94 -24.61
CA LYS A 493 17.60 6.29 -25.17
C LYS A 493 18.59 7.23 -24.49
N PHE A 494 18.45 7.35 -23.18
CA PHE A 494 19.38 8.14 -22.38
C PHE A 494 20.46 7.23 -21.80
N ALA A 495 21.66 7.32 -22.37
CA ALA A 495 22.80 6.52 -21.90
C ALA A 495 24.02 7.39 -21.67
N ASN A 496 23.98 8.61 -22.21
CA ASN A 496 25.10 9.53 -22.11
C ASN A 496 24.99 10.44 -20.88
N GLU A 497 25.77 10.10 -19.85
CA GLU A 497 25.77 10.86 -18.59
C GLU A 497 26.38 12.24 -18.77
N ILE A 498 26.02 13.18 -17.89
CA ILE A 498 26.64 14.50 -17.86
C ILE A 498 27.25 14.81 -16.51
N THR A 499 28.54 15.10 -16.52
CA THR A 499 29.20 15.74 -15.40
C THR A 499 29.32 17.20 -15.81
N VAL A 500 28.62 18.07 -15.10
CA VAL A 500 28.52 19.47 -15.50
C VAL A 500 29.90 20.11 -15.57
N GLY A 501 30.11 20.94 -16.59
CA GLY A 501 31.38 21.62 -16.77
C GLY A 501 32.49 20.66 -17.11
N THR A 502 32.25 19.78 -18.08
CA THR A 502 33.24 18.82 -18.52
C THR A 502 32.77 18.10 -19.79
N THR A 503 31.67 17.37 -19.66
CA THR A 503 31.14 16.60 -20.78
C THR A 503 30.74 17.53 -21.92
N GLU A 504 30.76 17.00 -23.14
CA GLU A 504 30.43 17.78 -24.33
C GLU A 504 29.74 16.89 -25.35
N VAL A 505 29.04 17.50 -26.29
CA VAL A 505 28.23 16.77 -27.24
C VAL A 505 28.38 17.30 -28.65
N ALA A 506 28.44 16.39 -29.61
CA ALA A 506 28.49 16.74 -31.02
C ALA A 506 27.07 16.98 -31.51
N ALA A 507 26.85 18.09 -32.21
CA ALA A 507 25.54 18.43 -32.75
C ALA A 507 25.61 19.56 -33.75
N ASN A 508 24.50 19.82 -34.43
CA ASN A 508 24.40 20.89 -35.40
C ASN A 508 23.43 21.96 -34.92
N ALA A 509 23.33 23.04 -35.68
CA ALA A 509 22.40 24.11 -35.36
C ALA A 509 21.00 23.75 -35.83
N GLY A 510 19.99 24.14 -35.07
CA GLY A 510 18.61 23.80 -35.38
C GLY A 510 18.21 22.51 -34.69
N GLN A 511 19.20 21.72 -34.27
CA GLN A 511 18.95 20.46 -33.61
C GLN A 511 18.40 20.68 -32.21
N ILE A 512 18.12 19.57 -31.52
CA ILE A 512 17.47 19.59 -30.22
C ILE A 512 18.18 18.66 -29.25
N ILE A 513 18.46 19.18 -28.07
CA ILE A 513 19.01 18.39 -26.97
C ILE A 513 17.94 18.21 -25.91
N THR A 514 17.65 16.95 -25.57
CA THR A 514 16.74 16.66 -24.48
C THR A 514 17.55 16.19 -23.28
N VAL A 515 17.04 16.48 -22.08
CA VAL A 515 17.75 16.19 -20.84
C VAL A 515 16.78 15.67 -19.80
N ILE A 516 17.32 14.91 -18.85
CA ILE A 516 16.53 14.45 -17.70
C ILE A 516 17.40 14.42 -16.45
N GLU A 517 16.77 14.68 -15.31
CA GLU A 517 17.42 14.60 -14.01
C GLU A 517 16.87 13.41 -13.27
N VAL A 518 17.75 12.52 -12.85
CA VAL A 518 17.36 11.30 -12.15
C VAL A 518 17.60 11.46 -10.65
N ASP A 519 16.96 10.60 -9.85
CA ASP A 519 17.15 10.62 -8.41
C ASP A 519 18.21 9.59 -8.01
N SER A 520 18.32 9.32 -6.72
CA SER A 520 19.30 8.37 -6.20
C SER A 520 19.02 6.96 -6.71
N SER A 521 17.74 6.64 -6.86
CA SER A 521 17.31 5.32 -7.31
C SER A 521 17.15 5.28 -8.84
N ASP A 522 17.67 6.29 -9.53
CA ASP A 522 17.62 6.35 -10.99
C ASP A 522 16.17 6.46 -11.49
N ARG A 523 15.41 7.39 -10.91
CA ARG A 523 14.05 7.69 -11.35
C ARG A 523 13.97 9.15 -11.79
N VAL A 524 13.22 9.40 -12.85
CA VAL A 524 13.12 10.74 -13.43
C VAL A 524 12.33 11.68 -12.53
N VAL A 525 12.78 12.94 -12.48
CA VAL A 525 12.07 14.00 -11.76
C VAL A 525 12.03 15.29 -12.59
N GLY A 526 13.08 15.49 -13.40
CA GLY A 526 13.23 16.71 -14.17
C GLY A 526 13.28 16.45 -15.66
N TYR A 527 13.11 17.52 -16.44
CA TYR A 527 13.09 17.42 -17.88
C TYR A 527 13.16 18.83 -18.48
N LYS A 528 14.11 19.04 -19.37
CA LYS A 528 14.30 20.34 -20.02
C LYS A 528 14.89 20.16 -21.42
N THR A 529 14.28 20.83 -22.39
CA THR A 529 14.69 20.71 -23.79
C THR A 529 15.47 21.94 -24.25
N PHE A 530 16.65 21.70 -24.80
CA PHE A 530 17.48 22.79 -25.34
C PHE A 530 17.46 22.78 -26.85
N THR A 531 17.29 23.96 -27.43
CA THR A 531 17.44 24.13 -28.87
C THR A 531 18.84 24.69 -29.11
N VAL A 532 19.55 24.12 -30.06
CA VAL A 532 20.93 24.50 -30.31
C VAL A 532 21.01 25.74 -31.19
N GLU A 533 21.49 26.83 -30.60
CA GLU A 533 21.73 28.06 -31.34
C GLU A 533 23.18 28.05 -31.82
N ALA A 534 23.39 28.49 -33.05
CA ALA A 534 24.71 28.42 -33.69
C ALA A 534 25.81 29.04 -32.84
N ALA A 535 25.45 29.99 -31.99
CA ALA A 535 26.41 30.68 -31.13
C ALA A 535 26.80 29.83 -29.92
N ASP A 536 25.92 28.90 -29.55
CA ASP A 536 26.19 28.00 -28.42
C ASP A 536 27.28 27.00 -28.79
N LEU A 537 27.55 26.85 -30.09
CA LEU A 537 28.54 25.88 -30.57
C LEU A 537 29.94 26.48 -30.66
N SER A 538 30.92 25.62 -30.88
CA SER A 538 32.32 26.02 -30.93
C SER A 538 32.85 25.94 -32.35
N VAL A 539 33.84 26.78 -32.64
CA VAL A 539 34.51 26.78 -33.94
C VAL A 539 35.96 27.16 -33.76
N ALA A 540 36.76 26.89 -34.80
CA ALA A 540 38.18 27.19 -34.77
C ALA A 540 38.42 28.66 -35.06
N ALA A 541 39.63 29.14 -34.75
CA ALA A 541 39.97 30.54 -34.97
C ALA A 541 40.08 30.84 -36.45
N ASP A 542 40.05 32.13 -36.78
CA ASP A 542 40.17 32.58 -38.16
C ASP A 542 41.08 33.79 -38.16
N LYS A 543 41.16 34.47 -39.29
CA LYS A 543 41.71 35.81 -39.34
C LYS A 543 40.75 36.75 -38.61
N THR A 544 39.50 36.31 -38.49
CA THR A 544 38.47 37.06 -37.78
C THR A 544 38.91 37.39 -36.36
N GLY A 545 39.20 36.35 -35.58
CA GLY A 545 39.65 36.53 -34.21
C GLY A 545 41.04 37.13 -34.15
N PHE A 546 41.75 37.07 -35.28
CA PHE A 546 43.10 37.62 -35.36
C PHE A 546 43.05 39.12 -35.61
N THR A 547 43.49 39.89 -34.62
CA THR A 547 43.37 41.34 -34.65
C THR A 547 44.65 41.96 -35.20
N ALA A 548 45.76 41.58 -34.57
CA ALA A 548 47.05 42.17 -34.86
C ALA A 548 47.46 42.04 -36.32
N THR A 549 48.13 43.07 -36.82
CA THR A 549 48.70 43.05 -38.15
C THR A 549 50.18 42.78 -38.01
N VAL A 550 50.59 41.56 -38.38
CA VAL A 550 51.99 41.17 -38.37
C VAL A 550 52.55 41.24 -39.78
N THR A 551 53.80 41.65 -39.88
CA THR A 551 54.46 41.78 -41.17
C THR A 551 55.78 41.01 -41.13
N PRO A 552 55.88 39.89 -41.88
CA PRO A 552 57.19 39.22 -41.96
C PRO A 552 58.20 40.13 -42.66
N THR A 553 59.43 40.19 -42.15
CA THR A 553 60.41 41.17 -42.63
C THR A 553 61.81 40.59 -42.74
N GLY A 554 62.53 41.00 -43.78
CA GLY A 554 63.91 40.61 -43.98
C GLY A 554 64.80 41.84 -44.10
N GLY A 555 65.68 41.84 -45.09
CA GLY A 555 66.58 42.95 -45.32
C GLY A 555 67.97 42.64 -44.80
N ASN A 556 68.87 43.60 -44.95
CA ASN A 556 70.26 43.41 -44.53
C ASN A 556 70.47 43.75 -43.05
N GLN A 557 69.42 43.57 -42.26
CA GLN A 557 69.47 43.79 -40.82
C GLN A 557 68.95 42.56 -40.08
N VAL A 558 68.59 41.53 -40.85
CA VAL A 558 68.10 40.28 -40.28
C VAL A 558 69.02 39.14 -40.66
N THR A 559 69.13 38.15 -39.77
CA THR A 559 70.00 37.01 -39.99
C THR A 559 69.47 36.16 -41.14
N THR A 560 70.39 35.68 -41.97
CA THR A 560 70.03 34.80 -43.08
C THR A 560 69.35 33.54 -42.56
N GLY A 561 68.45 32.99 -43.36
CA GLY A 561 67.72 31.79 -42.99
C GLY A 561 66.60 32.08 -42.01
N LYS A 562 66.62 33.26 -41.41
CA LYS A 562 65.59 33.70 -40.47
C LYS A 562 64.85 34.91 -41.02
N THR A 563 63.68 35.19 -40.45
CA THR A 563 62.86 36.34 -40.85
C THR A 563 62.36 37.06 -39.62
N LEU A 564 62.16 38.37 -39.76
CA LEU A 564 61.73 39.20 -38.65
C LEU A 564 60.21 39.31 -38.63
N LEU A 565 59.64 39.19 -37.44
CA LEU A 565 58.19 39.29 -37.26
C LEU A 565 57.82 40.63 -36.64
N ALA A 566 57.46 41.58 -37.49
CA ALA A 566 57.12 42.92 -37.05
C ALA A 566 55.67 42.96 -36.61
N VAL A 567 55.46 42.99 -35.30
CA VAL A 567 54.12 43.11 -34.74
C VAL A 567 53.70 44.56 -34.79
N SER A 568 52.42 44.78 -35.08
CA SER A 568 51.85 46.11 -35.06
C SER A 568 50.44 46.07 -34.51
N ASP A 569 50.14 47.00 -33.61
CA ASP A 569 48.81 47.21 -33.04
C ASP A 569 48.06 45.93 -32.67
N LEU A 570 48.41 45.36 -31.51
CA LEU A 570 47.59 44.35 -30.87
C LEU A 570 46.82 45.01 -29.74
N ALA A 571 45.87 44.28 -29.14
CA ALA A 571 45.13 44.81 -28.01
C ALA A 571 45.99 44.76 -26.75
N ASN A 572 45.58 45.51 -25.74
CA ASN A 572 46.36 45.72 -24.50
C ASN A 572 47.16 44.51 -24.01
N GLY A 573 46.49 43.58 -23.35
CA GLY A 573 47.17 42.47 -22.72
C GLY A 573 47.22 41.20 -23.55
N HIS A 574 46.80 41.29 -24.81
CA HIS A 574 46.85 40.16 -25.72
C HIS A 574 48.30 39.74 -25.96
N LYS A 575 48.52 38.43 -26.14
CA LYS A 575 49.83 37.90 -26.44
C LYS A 575 49.81 37.13 -27.75
N LEU A 576 50.99 36.72 -28.20
CA LEU A 576 51.13 36.01 -29.47
C LEU A 576 52.15 34.87 -29.38
N TYR A 577 51.85 33.78 -30.07
CA TYR A 577 52.71 32.62 -30.11
C TYR A 577 52.83 32.11 -31.54
N ALA A 578 54.03 31.65 -31.89
CA ALA A 578 54.31 31.17 -33.23
C ALA A 578 54.67 29.68 -33.21
N ALA A 579 54.33 29.00 -34.31
CA ALA A 579 54.61 27.58 -34.44
C ALA A 579 55.80 27.36 -35.34
N ALA A 580 56.16 26.10 -35.55
CA ALA A 580 57.28 25.75 -36.39
C ALA A 580 57.05 26.23 -37.82
N ALA A 581 58.15 26.43 -38.55
CA ALA A 581 58.08 26.83 -39.95
C ALA A 581 58.17 25.59 -40.84
N GLY A 582 57.05 25.22 -41.46
CA GLY A 582 56.97 24.04 -42.30
C GLY A 582 56.59 24.38 -43.73
N SER A 583 56.57 23.37 -44.59
CA SER A 583 56.18 23.55 -45.99
C SER A 583 54.66 23.58 -46.13
N SER A 584 53.97 23.33 -45.02
CA SER A 584 52.50 23.38 -44.99
C SER A 584 52.04 23.96 -43.66
N ALA A 585 50.89 24.65 -43.71
CA ALA A 585 50.35 25.35 -42.54
C ALA A 585 50.10 24.39 -41.37
N ALA A 586 50.11 24.94 -40.16
CA ALA A 586 49.84 24.16 -38.96
C ALA A 586 48.33 24.04 -38.74
N ALA A 587 47.94 23.22 -37.77
CA ALA A 587 46.53 23.02 -37.46
C ALA A 587 45.98 24.21 -36.67
N ALA A 588 44.73 24.57 -36.92
CA ALA A 588 44.10 25.72 -36.28
C ALA A 588 43.25 25.28 -35.08
N PRO A 589 43.67 25.66 -33.85
CA PRO A 589 42.89 25.26 -32.67
C PRO A 589 41.49 25.84 -32.60
N VAL A 590 40.73 25.40 -31.60
CA VAL A 590 39.37 25.89 -31.37
C VAL A 590 39.43 27.27 -30.72
N LYS A 591 38.45 28.10 -31.04
CA LYS A 591 38.34 29.41 -30.39
C LYS A 591 37.78 29.23 -28.99
N GLY A 592 38.57 29.58 -27.98
CA GLY A 592 38.11 29.59 -26.61
C GLY A 592 39.01 28.81 -25.68
N ILE A 593 39.74 27.86 -26.23
CA ILE A 593 40.59 26.99 -25.42
C ILE A 593 41.77 27.76 -24.83
N ALA A 594 42.26 27.29 -23.69
CA ALA A 594 43.42 27.91 -23.04
C ALA A 594 44.69 27.60 -23.84
N TYR A 595 45.76 28.34 -23.55
CA TYR A 595 47.02 28.13 -24.24
C TYR A 595 47.77 26.94 -23.64
N THR A 596 47.47 26.66 -22.37
CA THR A 596 48.24 25.66 -21.61
C THR A 596 48.01 24.21 -22.06
N ASP A 597 47.08 24.01 -22.99
CA ASP A 597 46.80 22.66 -23.50
C ASP A 597 48.04 22.11 -24.20
N THR A 598 48.30 20.82 -24.00
CA THR A 598 49.51 20.17 -24.52
C THR A 598 49.60 20.22 -26.04
N THR A 599 48.50 19.87 -26.69
CA THR A 599 48.44 19.88 -28.15
C THR A 599 48.78 21.27 -28.72
N VAL A 600 48.62 22.29 -27.89
CA VAL A 600 48.79 23.68 -28.30
C VAL A 600 50.21 24.19 -28.01
N ARG A 601 50.55 24.28 -26.73
CA ARG A 601 51.82 24.86 -26.28
C ARG A 601 53.03 24.22 -26.95
N THR A 602 52.91 22.94 -27.28
CA THR A 602 53.99 22.22 -27.93
C THR A 602 54.17 22.72 -29.36
N THR A 603 53.05 22.86 -30.05
CA THR A 603 53.05 23.33 -31.42
C THR A 603 53.51 24.77 -31.48
N TYR A 604 52.70 25.66 -30.92
CA TYR A 604 52.97 27.09 -30.92
C TYR A 604 53.77 27.49 -29.68
N GLY A 605 54.98 26.94 -29.56
CA GLY A 605 55.76 27.09 -28.34
C GLY A 605 56.60 28.35 -28.29
N THR A 606 56.64 29.09 -29.40
CA THR A 606 57.51 30.26 -29.50
C THR A 606 56.75 31.56 -29.35
N GLU A 607 56.84 32.17 -28.17
CA GLU A 607 56.20 33.46 -27.94
C GLU A 607 56.94 34.53 -28.71
N VAL A 608 56.19 35.43 -29.35
CA VAL A 608 56.76 36.49 -30.15
C VAL A 608 55.96 37.77 -29.93
N THR A 609 55.34 37.86 -28.76
CA THR A 609 54.48 38.98 -28.39
C THR A 609 55.19 40.32 -28.59
N SER A 610 56.50 40.32 -28.43
CA SER A 610 57.30 41.55 -28.51
C SER A 610 57.40 42.07 -29.94
N GLY A 611 57.38 41.16 -30.91
CA GLY A 611 57.51 41.51 -32.31
C GLY A 611 58.93 41.89 -32.67
N THR A 612 59.87 41.41 -31.86
CA THR A 612 61.28 41.69 -32.03
C THR A 612 62.03 40.37 -32.16
N VAL A 613 61.36 39.39 -32.75
CA VAL A 613 61.89 38.02 -32.82
C VAL A 613 62.12 37.60 -34.25
N GLU A 614 63.09 36.72 -34.43
CA GLU A 614 63.40 36.13 -35.72
C GLU A 614 63.63 34.63 -35.58
N VAL A 615 62.90 33.86 -36.36
CA VAL A 615 63.00 32.40 -36.35
C VAL A 615 63.33 31.88 -37.74
N ASP A 616 63.84 30.65 -37.80
CA ASP A 616 64.26 30.05 -39.06
C ASP A 616 63.12 30.05 -40.09
N ALA A 617 63.48 30.10 -41.38
CA ALA A 617 62.49 30.17 -42.44
C ALA A 617 63.11 29.96 -43.82
N GLN A 618 62.26 29.84 -44.82
CA GLN A 618 62.69 29.73 -46.22
C GLN A 618 61.68 30.43 -47.12
N ASP A 619 61.84 30.28 -48.43
CA ASP A 619 61.04 31.01 -49.41
C ASP A 619 59.56 30.67 -49.31
N GLY A 620 59.18 29.50 -49.81
CA GLY A 620 57.78 29.12 -49.88
C GLY A 620 57.24 28.49 -48.61
N GLN A 621 58.08 28.41 -47.56
CA GLN A 621 57.64 27.84 -46.30
C GLN A 621 56.45 28.60 -45.74
N HIS A 622 55.62 27.91 -44.95
CA HIS A 622 54.47 28.51 -44.28
C HIS A 622 54.70 28.62 -42.79
N ILE A 623 54.06 29.60 -42.18
CA ILE A 623 54.16 29.82 -40.74
C ILE A 623 52.80 30.16 -40.16
N SER A 624 52.48 29.53 -39.03
CA SER A 624 51.18 29.67 -38.39
C SER A 624 51.34 30.45 -37.10
N ILE A 625 50.37 31.33 -36.83
CA ILE A 625 50.41 32.15 -35.63
C ILE A 625 49.01 32.31 -35.03
N ILE A 626 48.98 32.50 -33.71
CA ILE A 626 47.75 32.55 -32.95
C ILE A 626 47.75 33.73 -32.00
N GLU A 627 46.55 34.16 -31.59
CA GLU A 627 46.40 35.30 -30.71
C GLU A 627 45.69 34.91 -29.43
N VAL A 628 46.32 35.24 -28.30
CA VAL A 628 45.74 34.98 -26.98
C VAL A 628 45.13 36.26 -26.42
N ASP A 629 44.08 36.12 -25.61
CA ASP A 629 43.38 37.27 -25.04
C ASP A 629 43.96 37.66 -23.67
N GLU A 630 43.27 38.57 -22.98
CA GLU A 630 43.74 39.08 -21.68
C GLU A 630 43.60 38.07 -20.55
N ASN A 631 42.99 36.92 -20.83
CA ASN A 631 42.70 35.92 -19.81
C ASN A 631 43.34 34.55 -20.10
N GLY A 632 44.19 34.47 -21.13
CA GLY A 632 44.92 33.25 -21.43
C GLY A 632 44.19 32.31 -22.36
N LYS A 633 43.23 32.85 -23.11
CA LYS A 633 42.42 32.08 -24.04
C LYS A 633 42.81 32.43 -25.48
N VAL A 634 42.65 31.48 -26.38
CA VAL A 634 42.97 31.69 -27.80
C VAL A 634 41.82 32.38 -28.51
N VAL A 635 42.15 33.17 -29.54
CA VAL A 635 41.17 33.97 -30.26
C VAL A 635 41.30 33.82 -31.77
N GLY A 636 42.46 34.23 -32.30
CA GLY A 636 42.67 34.30 -33.73
C GLY A 636 43.74 33.37 -34.25
N TYR A 637 43.80 33.25 -35.57
CA TYR A 637 44.73 32.35 -36.22
C TYR A 637 44.92 32.82 -37.66
N LYS A 638 46.17 32.90 -38.09
CA LYS A 638 46.48 33.34 -39.44
C LYS A 638 47.77 32.68 -39.94
N ASP A 639 47.67 31.93 -41.02
CA ASP A 639 48.80 31.23 -41.61
C ASP A 639 49.37 32.07 -42.74
N TYR A 640 50.57 32.60 -42.54
CA TYR A 640 51.22 33.45 -43.53
C TYR A 640 51.98 32.63 -44.56
N THR A 641 52.14 33.23 -45.75
CA THR A 641 52.94 32.64 -46.81
C THR A 641 54.08 33.61 -47.13
N ILE A 642 55.31 33.14 -46.93
CA ILE A 642 56.49 34.00 -46.98
C ILE A 642 57.04 34.15 -48.39
N THR A 643 57.85 35.19 -48.59
CA THR A 643 58.64 35.34 -49.79
C THR A 643 60.08 35.70 -49.37
N GLY A 644 61.04 35.44 -50.25
CA GLY A 644 62.43 35.73 -49.97
C GLY A 644 62.66 37.20 -49.67
N ILE A 645 61.73 38.04 -50.12
CA ILE A 645 61.78 39.49 -49.93
C ILE A 645 61.86 39.84 -48.45
N GLN A 646 61.31 38.96 -47.63
CA GLN A 646 61.17 39.19 -46.20
C GLN A 646 61.99 38.15 -45.43
N ILE A 647 63.19 37.88 -45.95
CA ILE A 647 64.15 37.00 -45.29
C ILE A 647 65.49 37.71 -45.13
N GLY A 648 66.23 37.35 -44.08
CA GLY A 648 67.54 37.95 -43.83
C GLY A 648 68.52 37.64 -44.94
N THR A 649 69.73 38.19 -44.83
CA THR A 649 70.72 38.09 -45.90
C THR A 649 72.14 38.00 -45.38
N LYS A 650 72.64 39.09 -44.81
CA LYS A 650 74.03 39.15 -44.36
C LYS A 650 74.25 38.23 -43.16
N SER A 651 75.51 38.13 -42.74
CA SER A 651 75.88 37.27 -41.62
C SER A 651 75.36 37.81 -40.29
CA CA B . 0.53 -5.35 7.00
CA CA C . -15.27 -24.17 9.51
CA CA D . -23.10 -26.59 15.08
CA CA E . -28.06 -27.69 -2.45
ZN ZN F . 5.42 23.63 -11.47
ZN ZN G . 16.54 11.21 -35.69
CA CA H . 21.57 29.84 -24.76
#